data_6F1V
#
_entry.id   6F1V
#
_cell.length_a   1.000
_cell.length_b   1.000
_cell.length_c   1.000
_cell.angle_alpha   90.00
_cell.angle_beta   90.00
_cell.angle_gamma   90.00
#
_symmetry.space_group_name_H-M   'P 1'
#
_entity_poly.entity_id   1
_entity_poly.type   'polypeptide(L)'
_entity_poly.pdbx_seq_one_letter_code
;MSEPGGGGGEDGSAGLEVSAVQNVADVSVLQKHLRKLVPLLLEDGGEAPAALEAALEEKSALEQMRKFLSDPQVHTVLVE
RSTLKEDVGDEGEEEKEFISYNINIDIHYGVKSNSLAFIKRTPVIDADKPVSSQLRVLTLSEDSPYETLHSFISNAVAPF
FKSYIRESGKADRDGDKMAPSVEKKIAELEMGLLHLQQNIEIPEISLPIHPMITNVAKQCYERGEKPKVTDFGDKVEDPT
FLNQLQSGVNRWIREIQKVTKLDRDPASGTALQEISFWLNLERALYRIQEKRESPEVLLTLDILKHGKRFHATVSFDTDT
GLKQALETVNDYNPLMKDFPLNDLLSATELDKIRQALVAIFTHLRKIRNTKYPIQRALRLVEAISRDLSSQLLKVLGTRK
LMHVAYEEFEKVMVACFEVFQTWDDEYEKLQVLLRDIVKRKREENLKMVWRINPAHRKLQARLDQMRKFRRQHEQLRAVI
VRVLRPQVTAVAQQNQGEVPEPQDMKVAEVLFDAADANAIEEVNLAYENVKEVDGLDVSKEGTEAWEAAMKRYDERIDRV
ETRITARLRDQLGTAKNANEMFRIFSRFNALFVRPHIRGAIREYQTQLIQRVKDDIESLHDKFKVQYPQSQACKMSHVRD
LPPVSGSIIWAKQIDRQLTAYMKRVEDVLGKGWENHVEGQKLKQDGDSFRMKLNTQEIFDDWARKVQQRNLGVSGRIFTI
ESTRVRGRTGNVLKLKVNFLPEIITLSKEVRNLKWLGFRVPLAIVNKAHQANQLYPFAISLIESVRTYERTCEKVEERNT
ISLLVAGLKKEVQALIAEGIALVWESYKLDPYVQRLAETVFNFQEKVDDLLIIEEKIDLEVRSLETCMYDHKTFSEILNR
VQKAVDDLNLHSYSNLPIWVNKLDMEIERILGVRLQAGLRAWTQVLLGQAEDKAEVDMDTDAPQVSHKPGGEPKIKNVVH
ELRITNQVIYLNPPIEECRYKLYQEMFAWKMVVLSLPRIQSQRYQVGVHYELTEEEKFYRNALTRMPDGPVALEESYSAV
MGIVSEVEQYVKVWLQYQCLWDMQAENIYNRLGEDLNKWQALLVQIRKARGTFDNAETKKEFGPVVIDYGKVQSKVNLKY
DSWHKEVLSKFGQMLGSNMTEFHSQISKSRQELEQHSVDTASTSDAVTFITYVQSLKRKIKQFEKQ
;
_entity_poly.pdbx_strand_id   f,m
#
# COMPACT_ATOMS: atom_id res chain seq x y z
N ALA A 517 19.36 27.53 47.54
CA ALA A 517 19.44 26.70 48.73
C ALA A 517 20.56 27.17 49.66
N ASN A 518 21.79 27.00 49.20
CA ASN A 518 22.99 27.36 49.94
C ASN A 518 23.88 28.32 49.18
N ALA A 519 24.00 28.16 47.86
CA ALA A 519 24.85 29.02 47.06
C ALA A 519 24.12 30.21 46.45
N ILE A 520 22.80 30.09 46.23
CA ILE A 520 22.00 31.15 45.64
C ILE A 520 21.99 32.39 46.52
N GLU A 521 21.72 32.18 47.82
CA GLU A 521 21.69 33.24 48.79
C GLU A 521 23.05 33.92 48.89
N GLU A 522 24.10 33.11 48.86
CA GLU A 522 25.48 33.56 48.91
C GLU A 522 25.81 34.51 47.76
N VAL A 523 25.53 34.06 46.54
CA VAL A 523 25.77 34.85 45.33
C VAL A 523 24.94 36.13 45.37
N ASN A 524 23.70 36.05 45.86
CA ASN A 524 22.85 37.23 45.91
C ASN A 524 23.31 38.22 46.97
N LEU A 525 23.90 37.73 48.07
CA LEU A 525 24.43 38.65 49.07
C LEU A 525 25.60 39.40 48.49
N ALA A 526 26.45 38.68 47.74
CA ALA A 526 27.57 39.31 47.07
C ALA A 526 27.09 40.33 46.05
N TYR A 527 26.07 39.95 45.27
CA TYR A 527 25.55 40.85 44.25
C TYR A 527 24.91 42.09 44.84
N GLU A 528 24.07 41.93 45.85
CA GLU A 528 23.43 43.12 46.39
C GLU A 528 24.41 44.04 47.09
N ASN A 529 25.43 43.50 47.75
CA ASN A 529 26.40 44.43 48.32
C ASN A 529 27.24 45.05 47.21
N VAL A 530 27.46 44.33 46.10
CA VAL A 530 28.20 44.88 44.99
C VAL A 530 27.37 45.91 44.23
N LYS A 531 26.05 45.69 44.14
CA LYS A 531 25.16 46.64 43.47
C LYS A 531 25.08 47.92 44.26
N GLU A 532 25.36 47.85 45.56
CA GLU A 532 25.39 49.10 46.27
C GLU A 532 26.78 49.73 46.18
N VAL A 533 27.85 48.93 46.17
CA VAL A 533 29.20 49.52 46.07
C VAL A 533 29.53 50.04 44.69
N ASP A 534 28.71 49.78 43.68
CA ASP A 534 29.01 50.36 42.38
C ASP A 534 28.72 51.85 42.35
N GLY A 535 28.04 52.39 43.35
CA GLY A 535 27.73 53.80 43.46
C GLY A 535 26.90 54.35 42.35
N LEU A 536 26.17 53.48 41.64
CA LEU A 536 25.32 53.83 40.51
C LEU A 536 26.10 54.56 39.42
N ASP A 537 27.14 53.87 38.95
CA ASP A 537 28.03 54.30 37.88
C ASP A 537 28.78 55.60 38.17
N VAL A 538 29.72 55.48 39.10
CA VAL A 538 30.63 56.57 39.45
C VAL A 538 31.88 56.31 38.61
N SER A 539 31.90 56.88 37.40
CA SER A 539 33.04 56.68 36.50
C SER A 539 34.29 57.35 37.04
N LYS A 540 34.12 58.47 37.75
CA LYS A 540 35.21 59.18 38.39
C LYS A 540 35.76 58.39 39.55
N GLU A 541 34.98 57.44 40.05
CA GLU A 541 35.35 56.56 41.14
C GLU A 541 35.29 55.13 40.64
N GLY A 542 35.61 54.97 39.34
CA GLY A 542 35.61 53.67 38.71
C GLY A 542 36.57 52.75 39.41
N THR A 543 37.67 53.31 39.91
CA THR A 543 38.62 52.56 40.71
C THR A 543 37.91 52.10 41.98
N GLU A 544 37.31 53.06 42.69
CA GLU A 544 36.56 52.79 43.91
C GLU A 544 35.45 51.77 43.69
N ALA A 545 34.48 52.11 42.86
CA ALA A 545 33.33 51.25 42.61
C ALA A 545 33.71 49.91 42.01
N TRP A 546 34.27 49.94 40.80
CA TRP A 546 34.61 48.69 40.11
C TRP A 546 35.69 47.89 40.80
N GLU A 547 36.80 48.52 41.19
CA GLU A 547 37.85 47.78 41.86
C GLU A 547 37.37 47.24 43.19
N ALA A 548 36.56 47.99 43.95
CA ALA A 548 36.04 47.48 45.21
C ALA A 548 35.03 46.37 44.96
N ALA A 549 34.27 46.50 43.88
CA ALA A 549 33.31 45.47 43.49
C ALA A 549 34.05 44.19 43.21
N MET A 550 35.20 44.31 42.58
CA MET A 550 36.01 43.13 42.31
C MET A 550 36.69 42.66 43.59
N LYS A 551 37.06 43.57 44.49
CA LYS A 551 37.70 43.22 45.76
C LYS A 551 36.83 42.28 46.57
N ARG A 552 35.52 42.52 46.56
CA ARG A 552 34.63 41.67 47.32
C ARG A 552 34.06 40.54 46.48
N TYR A 553 33.59 40.89 45.28
CA TYR A 553 32.95 39.97 44.36
C TYR A 553 33.88 38.85 43.91
N ASP A 554 35.15 39.17 43.66
CA ASP A 554 36.12 38.16 43.23
C ASP A 554 36.26 37.08 44.27
N GLU A 555 36.55 37.47 45.51
CA GLU A 555 36.77 36.49 46.57
C GLU A 555 35.51 35.71 46.89
N ARG A 556 34.36 36.39 46.98
CA ARG A 556 33.13 35.66 47.30
C ARG A 556 32.71 34.72 46.17
N ILE A 557 32.88 35.14 44.91
CA ILE A 557 32.50 34.25 43.84
C ILE A 557 33.56 33.17 43.68
N ASP A 558 34.79 33.37 44.12
CA ASP A 558 35.74 32.29 44.04
C ASP A 558 35.49 31.32 45.18
N ARG A 559 34.82 31.81 46.23
CA ARG A 559 34.39 30.90 47.26
C ARG A 559 33.26 30.04 46.71
N VAL A 560 32.51 30.60 45.75
CA VAL A 560 31.48 29.78 45.09
C VAL A 560 32.21 28.82 44.14
N GLU A 561 33.34 29.27 43.59
CA GLU A 561 34.17 28.44 42.71
C GLU A 561 34.70 27.23 43.47
N THR A 562 34.77 27.30 44.81
CA THR A 562 35.19 26.12 45.56
C THR A 562 34.18 24.98 45.42
N ARG A 563 32.88 25.28 45.51
CA ARG A 563 31.87 24.25 45.30
C ARG A 563 31.85 23.86 43.82
N ILE A 564 32.12 24.84 42.96
CA ILE A 564 32.24 24.58 41.54
C ILE A 564 33.45 23.70 41.28
N THR A 565 34.47 23.84 42.12
CA THR A 565 35.67 23.04 42.02
C THR A 565 35.36 21.62 42.47
N ALA A 566 34.41 21.48 43.40
CA ALA A 566 33.99 20.12 43.78
C ALA A 566 33.34 19.48 42.56
N ARG A 567 32.57 20.28 41.82
CA ARG A 567 32.01 19.75 40.59
C ARG A 567 33.09 19.61 39.51
N LEU A 568 34.21 20.34 39.65
CA LEU A 568 35.33 20.19 38.73
C LEU A 568 35.96 18.82 38.93
N ARG A 569 35.89 18.35 40.17
CA ARG A 569 36.36 17.00 40.46
C ARG A 569 35.32 16.02 39.90
N ASP A 570 34.05 16.42 39.98
CA ASP A 570 32.97 15.60 39.46
C ASP A 570 33.02 15.45 37.95
N GLN A 571 33.73 16.35 37.24
CA GLN A 571 33.85 16.27 35.78
C GLN A 571 34.36 14.90 35.36
N LEU A 572 35.43 14.45 35.98
CA LEU A 572 35.83 13.07 35.69
C LEU A 572 34.96 12.14 36.50
N GLY A 573 34.70 12.47 37.77
CA GLY A 573 33.90 11.65 38.67
C GLY A 573 32.56 11.13 38.19
N THR A 574 32.06 11.66 37.07
CA THR A 574 30.80 11.25 36.48
C THR A 574 30.91 10.20 35.38
N ALA A 575 31.65 10.46 34.29
CA ALA A 575 31.68 9.59 33.13
C ALA A 575 32.89 8.69 32.96
N LYS A 576 32.90 8.01 31.79
CA LYS A 576 33.93 7.10 31.29
C LYS A 576 34.28 7.34 29.83
N ASN A 577 33.47 8.07 29.08
CA ASN A 577 33.77 8.40 27.70
C ASN A 577 33.72 9.91 27.57
N ALA A 578 34.46 10.42 26.58
CA ALA A 578 34.55 11.84 26.30
C ALA A 578 33.23 12.43 25.86
N ASN A 579 32.27 11.58 25.49
CA ASN A 579 30.97 12.05 25.07
C ASN A 579 30.20 12.63 26.24
N GLU A 580 30.03 11.84 27.30
CA GLU A 580 29.30 12.31 28.47
C GLU A 580 30.09 13.36 29.23
N MET A 581 31.42 13.20 29.22
CA MET A 581 32.29 14.18 29.84
C MET A 581 32.17 15.49 29.10
N PHE A 582 31.98 15.40 27.78
CA PHE A 582 31.79 16.56 26.95
C PHE A 582 30.43 17.19 27.21
N ARG A 583 29.46 16.36 27.57
CA ARG A 583 28.14 16.89 27.89
C ARG A 583 28.24 17.78 29.12
N ILE A 584 28.95 17.28 30.13
CA ILE A 584 29.10 18.08 31.35
C ILE A 584 30.11 19.21 31.11
N PHE A 585 30.95 19.08 30.08
CA PHE A 585 31.86 20.16 29.71
C PHE A 585 31.05 21.32 29.15
N SER A 586 30.07 20.99 28.29
CA SER A 586 29.16 21.97 27.72
C SER A 586 28.22 22.52 28.76
N ARG A 587 27.98 21.75 29.84
CA ARG A 587 27.13 22.21 30.93
C ARG A 587 27.67 23.46 31.58
N PHE A 588 28.99 23.59 31.64
CA PHE A 588 29.60 24.74 32.28
C PHE A 588 30.11 25.72 31.23
N ASN A 589 29.17 26.43 30.62
CA ASN A 589 29.55 27.40 29.61
C ASN A 589 30.03 28.68 30.25
N ALA A 590 29.66 28.90 31.51
CA ALA A 590 30.10 30.09 32.24
C ALA A 590 31.57 29.99 32.60
N LEU A 591 32.05 28.79 32.83
CA LEU A 591 33.41 28.58 33.25
C LEU A 591 34.45 28.68 32.15
N PHE A 592 34.06 28.99 30.91
CA PHE A 592 35.12 29.08 29.91
C PHE A 592 35.79 30.44 29.90
N VAL A 593 35.34 31.34 30.77
CA VAL A 593 35.93 32.67 30.90
C VAL A 593 36.90 32.66 32.08
N ARG A 594 36.87 31.61 32.91
CA ARG A 594 37.73 31.47 34.07
C ARG A 594 38.83 30.45 33.85
N PRO A 595 40.08 30.88 33.63
CA PRO A 595 41.18 29.91 33.48
C PRO A 595 41.65 29.33 34.81
N HIS A 596 40.72 28.63 35.46
CA HIS A 596 40.91 27.92 36.71
C HIS A 596 40.33 26.54 36.58
N ILE A 597 39.37 26.41 35.69
CA ILE A 597 38.70 25.19 35.31
C ILE A 597 39.61 24.53 34.32
N ARG A 598 40.37 25.38 33.64
CA ARG A 598 41.35 24.95 32.66
C ARG A 598 42.42 24.07 33.26
N GLY A 599 42.67 24.16 34.58
CA GLY A 599 43.67 23.29 35.19
C GLY A 599 43.25 21.84 35.15
N ALA A 600 42.05 21.56 35.66
CA ALA A 600 41.55 20.18 35.60
C ALA A 600 41.23 19.82 34.16
N ILE A 601 40.95 20.82 33.33
CA ILE A 601 40.75 20.57 31.91
C ILE A 601 42.05 20.08 31.31
N ARG A 602 43.17 20.76 31.63
CA ARG A 602 44.50 20.37 31.16
C ARG A 602 44.86 18.99 31.67
N GLU A 603 44.35 18.66 32.86
CA GLU A 603 44.59 17.33 33.41
C GLU A 603 43.82 16.29 32.61
N TYR A 604 42.56 16.56 32.32
CA TYR A 604 41.78 15.62 31.55
C TYR A 604 41.88 15.85 30.07
N GLN A 605 42.82 16.70 29.63
CA GLN A 605 43.04 16.87 28.20
C GLN A 605 43.55 15.59 27.62
N THR A 606 44.37 14.89 28.39
CA THR A 606 44.92 13.60 28.04
C THR A 606 43.76 12.66 27.76
N GLN A 607 42.98 12.35 28.81
CA GLN A 607 41.84 11.46 28.71
C GLN A 607 40.83 11.86 27.65
N LEU A 608 40.54 13.15 27.53
CA LEU A 608 39.60 13.62 26.51
C LEU A 608 40.13 13.35 25.12
N ILE A 609 41.38 13.73 24.86
CA ILE A 609 41.94 13.53 23.53
C ILE A 609 42.09 12.05 23.22
N GLN A 610 42.51 11.22 24.20
CA GLN A 610 42.63 9.80 23.90
C GLN A 610 41.26 9.15 23.68
N ARG A 611 40.24 9.52 24.46
CA ARG A 611 38.92 8.94 24.26
C ARG A 611 38.33 9.36 22.92
N VAL A 612 38.60 10.59 22.51
CA VAL A 612 38.14 11.03 21.20
C VAL A 612 38.93 10.29 20.11
N LYS A 613 40.21 9.98 20.38
CA LYS A 613 40.98 9.21 19.42
C LYS A 613 40.44 7.80 19.32
N ASP A 614 39.92 7.26 20.44
CA ASP A 614 39.31 5.94 20.44
C ASP A 614 38.12 5.91 19.51
N ASP A 615 37.28 6.93 19.63
CA ASP A 615 36.09 7.01 18.80
C ASP A 615 36.44 7.24 17.33
N ILE A 616 37.44 8.07 17.04
CA ILE A 616 37.79 8.33 15.64
C ILE A 616 38.43 7.10 15.00
N GLU A 617 39.22 6.34 15.76
CA GLU A 617 39.78 5.12 15.17
C GLU A 617 38.68 4.07 15.02
N SER A 618 37.65 4.14 15.85
CA SER A 618 36.51 3.24 15.68
C SER A 618 35.81 3.58 14.37
N LEU A 619 35.75 4.88 14.06
CA LEU A 619 35.18 5.31 12.78
C LEU A 619 36.05 4.83 11.63
N HIS A 620 37.37 4.80 11.86
CA HIS A 620 38.28 4.29 10.84
C HIS A 620 37.96 2.85 10.55
N ASP A 621 37.74 2.07 11.60
CA ASP A 621 37.38 0.67 11.46
C ASP A 621 36.06 0.51 10.72
N LYS A 622 35.13 1.42 10.98
CA LYS A 622 33.84 1.34 10.30
C LYS A 622 33.97 1.69 8.82
N PHE A 623 34.76 2.70 8.48
CA PHE A 623 34.91 3.05 7.07
C PHE A 623 35.67 1.99 6.31
N LYS A 624 36.68 1.40 6.96
CA LYS A 624 37.49 0.36 6.32
C LYS A 624 36.63 -0.83 5.96
N VAL A 625 35.56 -1.07 6.71
CA VAL A 625 34.58 -2.06 6.34
C VAL A 625 33.56 -1.25 5.55
N GLN A 626 33.89 -1.00 4.28
CA GLN A 626 33.09 -0.14 3.42
C GLN A 626 31.66 -0.65 3.18
N TYR A 627 30.85 0.26 2.62
CA TYR A 627 29.42 0.09 2.33
C TYR A 627 29.01 -1.25 1.72
N PRO A 628 29.64 -1.80 0.68
CA PRO A 628 29.19 -3.12 0.17
C PRO A 628 29.34 -4.26 1.15
N GLN A 629 30.09 -4.07 2.23
CA GLN A 629 30.31 -5.09 3.22
C GLN A 629 29.43 -4.91 4.44
N SER A 630 29.37 -3.68 4.94
CA SER A 630 28.60 -3.30 6.12
C SER A 630 27.10 -3.60 5.95
N GLN A 631 26.40 -3.65 7.09
CA GLN A 631 24.96 -3.90 7.10
C GLN A 631 24.19 -2.76 6.49
N ALA A 632 24.85 -1.62 6.29
CA ALA A 632 24.23 -0.47 5.66
C ALA A 632 23.86 -0.78 4.22
N CYS A 633 24.54 -1.75 3.60
CA CYS A 633 24.19 -2.15 2.24
C CYS A 633 22.81 -2.78 2.19
N LYS A 634 22.58 -3.77 3.06
CA LYS A 634 21.29 -4.44 3.11
C LYS A 634 20.19 -3.50 3.54
N MET A 635 20.43 -2.73 4.60
CA MET A 635 19.41 -1.83 5.09
C MET A 635 19.11 -0.71 4.09
N SER A 636 20.14 -0.17 3.46
CA SER A 636 19.95 0.87 2.47
C SER A 636 19.27 0.34 1.23
N HIS A 637 19.51 -0.93 0.91
CA HIS A 637 18.83 -1.48 -0.25
C HIS A 637 17.40 -1.82 0.09
N VAL A 638 17.12 -2.14 1.35
CA VAL A 638 15.75 -2.44 1.76
C VAL A 638 14.91 -1.19 1.68
N ARG A 639 15.47 -0.06 2.08
CA ARG A 639 14.73 1.20 1.99
C ARG A 639 14.82 1.82 0.60
N ASP A 640 15.26 1.03 -0.37
CA ASP A 640 15.37 1.35 -1.78
C ASP A 640 16.24 2.58 -2.05
N LEU A 641 17.51 2.37 -1.76
CA LEU A 641 18.50 3.35 -2.04
C LEU A 641 19.53 2.67 -2.91
N PRO A 642 19.95 3.32 -4.00
CA PRO A 642 20.96 2.74 -4.88
C PRO A 642 22.27 2.52 -4.15
N PRO A 643 23.13 1.62 -4.65
CA PRO A 643 24.43 1.42 -3.98
C PRO A 643 25.28 2.67 -4.02
N VAL A 644 25.15 3.46 -5.09
CA VAL A 644 25.82 4.74 -5.17
C VAL A 644 25.36 5.63 -4.05
N SER A 645 24.03 5.81 -3.95
CA SER A 645 23.41 6.65 -2.93
C SER A 645 23.71 6.17 -1.53
N GLY A 646 23.56 4.88 -1.28
CA GLY A 646 23.83 4.34 0.04
C GLY A 646 25.26 4.54 0.46
N SER A 647 26.18 4.31 -0.47
CA SER A 647 27.60 4.49 -0.21
C SER A 647 27.93 5.94 0.13
N ILE A 648 27.50 6.87 -0.72
CA ILE A 648 27.82 8.27 -0.49
C ILE A 648 27.09 8.85 0.72
N ILE A 649 25.88 8.37 1.02
CA ILE A 649 25.16 8.87 2.17
C ILE A 649 25.85 8.41 3.43
N TRP A 650 26.16 7.12 3.49
CA TRP A 650 26.86 6.53 4.62
C TRP A 650 28.21 7.21 4.84
N ALA A 651 28.91 7.52 3.74
CA ALA A 651 30.19 8.21 3.83
C ALA A 651 30.03 9.62 4.37
N LYS A 652 29.00 10.34 3.91
CA LYS A 652 28.84 11.68 4.44
C LYS A 652 28.35 11.67 5.87
N GLN A 653 27.67 10.60 6.30
CA GLN A 653 27.27 10.58 7.70
C GLN A 653 28.48 10.37 8.56
N ILE A 654 29.42 9.53 8.10
CA ILE A 654 30.64 9.33 8.87
C ILE A 654 31.47 10.60 8.86
N ASP A 655 31.40 11.36 7.75
CA ASP A 655 32.09 12.65 7.67
C ASP A 655 31.54 13.62 8.69
N ARG A 656 30.22 13.64 8.83
CA ARG A 656 29.58 14.52 9.80
C ARG A 656 29.93 14.12 11.21
N GLN A 657 29.99 12.82 11.48
CA GLN A 657 30.34 12.38 12.83
C GLN A 657 31.81 12.66 13.13
N LEU A 658 32.66 12.60 12.10
CA LEU A 658 34.07 12.92 12.24
C LEU A 658 34.25 14.38 12.63
N THR A 659 33.65 15.27 11.84
CA THR A 659 33.71 16.70 12.15
C THR A 659 32.96 17.00 13.44
N ALA A 660 32.03 16.13 13.84
CA ALA A 660 31.35 16.33 15.10
C ALA A 660 32.34 16.13 16.24
N TYR A 661 33.16 15.08 16.14
CA TYR A 661 34.19 14.87 17.15
C TYR A 661 35.19 16.02 17.10
N MET A 662 35.46 16.51 15.89
CA MET A 662 36.39 17.63 15.75
C MET A 662 35.81 18.85 16.44
N LYS A 663 34.49 19.04 16.37
CA LYS A 663 33.83 20.16 17.02
C LYS A 663 33.95 20.00 18.53
N ARG A 664 33.86 18.77 19.01
CA ARG A 664 34.04 18.50 20.44
C ARG A 664 35.41 18.96 20.90
N VAL A 665 36.44 18.59 20.12
CA VAL A 665 37.81 18.97 20.47
C VAL A 665 38.00 20.48 20.29
N GLU A 666 37.28 21.10 19.35
CA GLU A 666 37.35 22.55 19.18
C GLU A 666 36.79 23.24 20.39
N ASP A 667 35.87 22.57 21.08
CA ASP A 667 35.32 23.13 22.29
C ASP A 667 36.24 22.91 23.47
N VAL A 668 37.01 21.81 23.44
CA VAL A 668 37.92 21.45 24.54
C VAL A 668 38.90 22.57 24.85
N LEU A 669 39.73 22.96 23.87
CA LEU A 669 40.66 24.05 24.13
C LEU A 669 40.46 25.27 23.25
N GLY A 670 39.59 25.24 22.26
CA GLY A 670 39.52 26.44 21.47
C GLY A 670 40.54 26.30 20.36
N LYS A 671 41.76 26.74 20.63
CA LYS A 671 42.84 26.65 19.67
C LYS A 671 44.05 25.84 20.14
N GLY A 672 44.22 25.68 21.45
CA GLY A 672 45.37 24.94 21.95
C GLY A 672 45.30 23.45 21.71
N TRP A 673 44.11 22.91 21.44
CA TRP A 673 43.97 21.49 21.19
C TRP A 673 44.59 21.10 19.86
N GLU A 674 44.76 22.07 18.97
CA GLU A 674 45.36 21.80 17.67
C GLU A 674 46.78 21.34 17.82
N ASN A 675 47.63 22.22 18.36
CA ASN A 675 49.04 21.96 18.62
C ASN A 675 49.21 21.49 20.05
N HIS A 676 48.42 20.48 20.38
CA HIS A 676 48.39 19.89 21.70
C HIS A 676 49.46 18.80 21.78
N VAL A 677 49.50 18.10 22.90
CA VAL A 677 50.43 17.02 23.08
C VAL A 677 50.02 15.85 22.21
N GLU A 678 48.70 15.65 22.06
CA GLU A 678 48.15 14.59 21.24
C GLU A 678 47.19 15.10 20.18
N GLY A 679 46.79 16.38 20.24
CA GLY A 679 45.92 16.95 19.24
C GLY A 679 46.58 17.09 17.89
N GLN A 680 47.92 17.12 17.88
CA GLN A 680 48.67 17.17 16.63
C GLN A 680 48.51 15.86 15.88
N LYS A 681 48.25 14.78 16.61
CA LYS A 681 48.01 13.47 16.04
C LYS A 681 46.54 13.31 15.71
N LEU A 682 45.67 13.94 16.51
CA LEU A 682 44.24 13.94 16.20
C LEU A 682 43.98 14.61 14.87
N LYS A 683 44.68 15.71 14.64
CA LYS A 683 44.60 16.45 13.38
C LYS A 683 45.03 15.57 12.22
N GLN A 684 46.05 14.74 12.44
CA GLN A 684 46.53 13.84 11.40
C GLN A 684 45.52 12.74 11.12
N ASP A 685 44.95 12.17 12.18
CA ASP A 685 43.94 11.12 12.04
C ASP A 685 42.76 11.66 11.28
N GLY A 686 42.37 12.89 11.61
CA GLY A 686 41.25 13.51 10.93
C GLY A 686 41.53 13.80 9.48
N ASP A 687 42.74 14.30 9.17
CA ASP A 687 43.08 14.62 7.79
C ASP A 687 43.10 13.37 6.90
N SER A 688 43.72 12.30 7.40
CA SER A 688 43.75 11.05 6.64
C SER A 688 42.34 10.48 6.53
N PHE A 689 41.52 10.67 7.57
CA PHE A 689 40.18 10.14 7.50
C PHE A 689 39.31 10.97 6.56
N ARG A 690 39.65 12.25 6.37
CA ARG A 690 38.91 13.05 5.41
C ARG A 690 39.23 12.56 4.02
N MET A 691 40.51 12.23 3.79
CA MET A 691 40.89 11.74 2.47
C MET A 691 40.30 10.36 2.22
N LYS A 692 40.06 9.60 3.29
CA LYS A 692 39.40 8.31 3.14
C LYS A 692 37.95 8.53 2.76
N LEU A 693 37.29 9.44 3.47
CA LEU A 693 35.89 9.77 3.25
C LEU A 693 35.76 10.81 2.13
N ASN A 694 35.77 10.31 0.91
CA ASN A 694 35.60 11.16 -0.24
C ASN A 694 34.56 10.51 -1.14
N THR A 695 33.69 11.32 -1.68
CA THR A 695 32.62 10.85 -2.52
C THR A 695 32.69 11.36 -3.94
N GLN A 696 33.57 12.34 -4.22
CA GLN A 696 33.72 12.88 -5.57
C GLN A 696 34.23 11.81 -6.50
N GLU A 697 34.99 10.88 -5.96
CA GLU A 697 35.47 9.74 -6.73
C GLU A 697 34.28 8.90 -7.17
N ILE A 698 33.34 8.68 -6.26
CA ILE A 698 32.16 7.89 -6.56
C ILE A 698 31.23 8.64 -7.49
N PHE A 699 31.12 9.96 -7.31
CA PHE A 699 30.28 10.78 -8.18
C PHE A 699 30.83 10.75 -9.59
N ASP A 700 32.15 10.81 -9.69
CA ASP A 700 32.81 10.78 -10.96
C ASP A 700 32.67 9.42 -11.61
N ASP A 701 32.78 8.35 -10.82
CA ASP A 701 32.62 7.02 -11.37
C ASP A 701 31.20 6.78 -11.80
N TRP A 702 30.25 7.40 -11.10
CA TRP A 702 28.86 7.28 -11.45
C TRP A 702 28.60 7.97 -12.79
N ALA A 703 28.95 9.26 -12.87
CA ALA A 703 28.77 10.02 -14.11
C ALA A 703 29.57 9.40 -15.23
N ARG A 704 30.69 8.79 -14.89
CA ARG A 704 31.56 8.08 -15.79
C ARG A 704 30.82 6.92 -16.41
N LYS A 705 30.55 5.86 -15.62
CA LYS A 705 29.85 4.65 -16.09
C LYS A 705 28.55 4.96 -16.81
N VAL A 706 27.79 5.93 -16.29
CA VAL A 706 26.55 6.29 -16.94
C VAL A 706 26.84 6.98 -18.27
N GLN A 707 27.95 7.68 -18.38
CA GLN A 707 28.31 8.29 -19.65
C GLN A 707 29.29 7.47 -20.44
N GLN A 708 29.57 6.24 -20.00
CA GLN A 708 30.44 5.36 -20.74
C GLN A 708 29.64 4.30 -21.45
N ARG A 709 28.60 3.79 -20.78
CA ARG A 709 27.78 2.77 -21.41
C ARG A 709 26.30 2.98 -21.20
N ASN A 710 25.86 3.80 -20.25
CA ASN A 710 24.44 4.03 -20.06
C ASN A 710 23.94 5.16 -20.94
N LEU A 711 24.76 5.58 -21.93
CA LEU A 711 24.35 6.60 -22.87
C LEU A 711 23.28 6.04 -23.78
N GLY A 712 23.32 4.73 -24.02
CA GLY A 712 22.36 4.08 -24.86
C GLY A 712 21.38 3.27 -24.03
N VAL A 713 21.70 3.05 -22.75
CA VAL A 713 20.81 2.29 -21.87
C VAL A 713 19.56 3.09 -21.53
N SER A 714 19.65 4.41 -21.60
CA SER A 714 18.57 5.31 -21.26
C SER A 714 17.21 5.13 -21.96
N GLY A 715 17.15 5.39 -23.26
CA GLY A 715 15.88 5.27 -23.95
C GLY A 715 15.50 3.93 -24.55
N ARG A 716 15.84 2.84 -23.87
CA ARG A 716 15.52 1.50 -24.38
C ARG A 716 14.07 1.15 -24.07
N ILE A 717 13.19 1.81 -24.81
CA ILE A 717 11.75 1.66 -24.65
C ILE A 717 11.08 1.08 -25.89
N PHE A 718 11.72 1.18 -27.05
CA PHE A 718 11.19 0.73 -28.33
C PHE A 718 10.94 -0.77 -28.41
N THR A 719 12.02 -1.55 -28.35
CA THR A 719 11.92 -3.00 -28.38
C THR A 719 11.37 -3.43 -27.04
N ILE A 720 10.04 -3.35 -26.94
CA ILE A 720 9.34 -3.69 -25.70
C ILE A 720 9.55 -5.16 -25.35
N GLU A 721 9.38 -6.04 -26.32
CA GLU A 721 9.56 -7.45 -26.03
C GLU A 721 10.84 -7.96 -26.66
N SER A 722 11.44 -8.90 -25.95
CA SER A 722 12.69 -9.50 -26.39
C SER A 722 12.69 -10.94 -25.95
N THR A 723 12.91 -11.82 -26.90
CA THR A 723 13.00 -13.24 -26.63
C THR A 723 14.34 -13.51 -25.94
N ARG A 724 14.64 -14.76 -25.61
CA ARG A 724 15.88 -14.99 -24.89
C ARG A 724 16.54 -16.30 -25.30
N VAL A 725 17.37 -16.77 -24.37
CA VAL A 725 18.14 -18.00 -24.35
C VAL A 725 18.56 -18.14 -22.89
N ARG A 726 18.49 -19.35 -22.35
CA ARG A 726 18.91 -19.55 -20.96
C ARG A 726 19.59 -20.92 -20.92
N GLY A 727 20.92 -20.91 -21.06
CA GLY A 727 21.69 -22.12 -21.04
C GLY A 727 21.55 -22.85 -19.73
N ARG A 728 20.73 -23.88 -19.76
CA ARG A 728 20.39 -24.72 -18.63
C ARG A 728 20.08 -26.08 -19.27
N THR A 729 19.40 -26.97 -18.54
CA THR A 729 19.04 -28.24 -19.14
C THR A 729 17.95 -27.97 -20.18
N GLY A 730 18.26 -28.27 -21.43
CA GLY A 730 17.36 -28.01 -22.52
C GLY A 730 17.58 -26.66 -23.17
N ASN A 731 18.26 -25.76 -22.45
CA ASN A 731 18.61 -24.40 -22.88
C ASN A 731 17.38 -23.61 -23.32
N VAL A 732 16.49 -23.39 -22.36
CA VAL A 732 15.22 -22.70 -22.58
C VAL A 732 15.41 -21.22 -22.89
N LEU A 733 14.31 -20.59 -23.26
CA LEU A 733 14.30 -19.17 -23.58
C LEU A 733 13.04 -18.57 -22.98
N LYS A 734 13.19 -17.37 -22.41
CA LYS A 734 12.10 -16.66 -21.76
C LYS A 734 11.84 -15.35 -22.46
N LEU A 735 10.91 -14.57 -21.91
CA LEU A 735 10.55 -13.28 -22.47
C LEU A 735 11.05 -12.19 -21.54
N LYS A 736 11.50 -11.07 -22.11
CA LYS A 736 12.04 -10.03 -21.27
C LYS A 736 11.88 -8.64 -21.84
N VAL A 737 11.46 -7.71 -21.00
CA VAL A 737 11.31 -6.30 -21.34
C VAL A 737 12.64 -5.66 -21.00
N ASN A 738 13.01 -4.59 -21.69
CA ASN A 738 14.32 -3.95 -21.53
C ASN A 738 14.42 -2.79 -20.54
N PHE A 739 14.03 -2.96 -19.26
CA PHE A 739 14.16 -1.91 -18.23
C PHE A 739 14.83 -2.42 -16.95
N LEU A 740 15.97 -3.11 -17.01
CA LEU A 740 16.45 -3.56 -15.69
C LEU A 740 17.21 -2.55 -14.82
N PRO A 741 18.31 -1.87 -15.26
CA PRO A 741 18.97 -0.98 -14.30
C PRO A 741 18.55 0.48 -14.34
N GLU A 742 17.90 0.83 -15.46
CA GLU A 742 17.46 2.18 -15.77
C GLU A 742 16.63 2.80 -14.68
N ILE A 743 15.72 2.01 -14.10
CA ILE A 743 14.83 2.48 -13.04
C ILE A 743 15.63 2.88 -11.81
N ILE A 744 16.69 2.13 -11.52
CA ILE A 744 17.54 2.46 -10.39
C ILE A 744 18.33 3.71 -10.72
N THR A 745 18.68 3.90 -12.00
CA THR A 745 19.40 5.12 -12.37
C THR A 745 18.52 6.35 -12.17
N LEU A 746 17.22 6.19 -12.38
CA LEU A 746 16.28 7.29 -12.16
C LEU A 746 16.30 7.65 -10.69
N SER A 747 16.25 6.62 -9.85
CA SER A 747 16.32 6.84 -8.41
C SER A 747 17.65 7.47 -8.02
N LYS A 748 18.73 7.06 -8.70
CA LYS A 748 20.06 7.61 -8.42
C LYS A 748 20.10 9.11 -8.64
N GLU A 749 19.57 9.54 -9.79
CA GLU A 749 19.56 10.95 -10.12
C GLU A 749 18.73 11.75 -9.13
N VAL A 750 17.56 11.23 -8.77
CA VAL A 750 16.71 11.93 -7.82
C VAL A 750 17.42 12.05 -6.47
N ARG A 751 18.15 11.00 -6.09
CA ARG A 751 18.85 11.03 -4.81
C ARG A 751 19.97 12.03 -4.80
N ASN A 752 20.76 12.08 -5.88
CA ASN A 752 21.86 13.05 -5.92
C ASN A 752 21.33 14.48 -5.94
N LEU A 753 20.26 14.71 -6.71
CA LEU A 753 19.68 16.05 -6.83
C LEU A 753 19.10 16.55 -5.51
N LYS A 754 18.20 15.78 -4.89
CA LYS A 754 17.62 16.26 -3.64
C LYS A 754 18.63 16.21 -2.50
N TRP A 755 19.44 15.15 -2.45
CA TRP A 755 20.44 14.96 -1.43
C TRP A 755 21.53 15.99 -1.41
N LEU A 756 22.36 16.00 -2.43
CA LEU A 756 23.44 16.97 -2.46
C LEU A 756 23.26 17.98 -3.57
N GLY A 757 22.98 17.52 -4.79
CA GLY A 757 22.79 18.47 -5.85
C GLY A 757 24.14 18.79 -6.43
N PHE A 758 24.36 18.40 -7.68
CA PHE A 758 25.62 18.66 -8.34
C PHE A 758 25.27 19.36 -9.61
N ARG A 759 26.24 19.45 -10.50
CA ARG A 759 25.99 19.91 -11.85
C ARG A 759 25.83 18.65 -12.69
N VAL A 760 24.83 17.88 -12.24
CA VAL A 760 24.39 16.58 -12.72
C VAL A 760 24.19 16.69 -14.22
N PRO A 761 24.67 15.73 -15.00
CA PRO A 761 24.54 15.81 -16.46
C PRO A 761 23.09 15.83 -16.89
N LEU A 762 22.77 17.03 -17.37
CA LEU A 762 21.44 17.41 -17.83
C LEU A 762 20.92 16.50 -18.91
N ALA A 763 21.80 15.98 -19.75
CA ALA A 763 21.38 15.04 -20.76
C ALA A 763 20.89 13.77 -20.11
N ILE A 764 21.60 13.30 -19.08
CA ILE A 764 21.18 12.11 -18.36
C ILE A 764 19.91 12.39 -17.59
N VAL A 765 19.74 13.61 -17.10
CA VAL A 765 18.54 13.94 -16.36
C VAL A 765 17.31 13.91 -17.28
N ASN A 766 17.45 14.46 -18.48
CA ASN A 766 16.33 14.43 -19.40
C ASN A 766 16.08 13.03 -19.94
N LYS A 767 17.13 12.22 -20.09
CA LYS A 767 16.90 10.85 -20.53
C LYS A 767 16.22 10.07 -19.43
N ALA A 768 16.51 10.43 -18.18
CA ALA A 768 15.85 9.80 -17.05
C ALA A 768 14.39 10.19 -17.02
N HIS A 769 14.12 11.45 -17.37
CA HIS A 769 12.76 11.98 -17.47
C HIS A 769 11.97 11.20 -18.51
N GLN A 770 12.61 10.91 -19.65
CA GLN A 770 11.94 10.12 -20.68
C GLN A 770 11.75 8.68 -20.23
N ALA A 771 12.61 8.19 -19.35
CA ALA A 771 12.40 6.84 -18.88
C ALA A 771 11.25 6.81 -17.87
N ASN A 772 11.14 7.88 -17.08
CA ASN A 772 10.07 8.01 -16.08
C ASN A 772 8.71 8.01 -16.74
N GLN A 773 8.55 8.82 -17.79
CA GLN A 773 7.24 8.93 -18.45
C GLN A 773 6.76 7.67 -19.16
N LEU A 774 7.54 6.59 -19.17
CA LEU A 774 7.16 5.32 -19.78
C LEU A 774 7.40 4.16 -18.84
N TYR A 775 7.97 4.43 -17.68
CA TYR A 775 8.27 3.44 -16.67
C TYR A 775 7.13 2.64 -16.05
N PRO A 776 5.99 3.23 -15.61
CA PRO A 776 4.94 2.39 -14.98
C PRO A 776 4.36 1.33 -15.88
N PHE A 777 4.29 1.64 -17.18
CA PHE A 777 3.81 0.70 -18.19
C PHE A 777 4.66 -0.53 -18.15
N ALA A 778 5.97 -0.31 -18.15
CA ALA A 778 6.92 -1.40 -18.13
C ALA A 778 6.83 -2.20 -16.85
N ILE A 779 6.52 -1.56 -15.72
CA ILE A 779 6.40 -2.29 -14.46
C ILE A 779 5.28 -3.30 -14.55
N SER A 780 4.16 -2.86 -14.95
CA SER A 780 2.98 -3.68 -15.15
C SER A 780 3.25 -4.83 -16.10
N LEU A 781 3.95 -4.52 -17.20
CA LEU A 781 4.29 -5.54 -18.18
C LEU A 781 5.19 -6.61 -17.57
N ILE A 782 6.20 -6.18 -16.81
CA ILE A 782 7.15 -7.09 -16.20
C ILE A 782 6.47 -7.99 -15.18
N GLU A 783 5.57 -7.42 -14.37
CA GLU A 783 4.87 -8.28 -13.41
C GLU A 783 3.92 -9.23 -14.11
N SER A 784 3.33 -8.81 -15.22
CA SER A 784 2.45 -9.68 -15.97
C SER A 784 3.23 -10.86 -16.53
N VAL A 785 4.43 -10.59 -17.04
CA VAL A 785 5.31 -11.62 -17.57
C VAL A 785 5.70 -12.60 -16.48
N ARG A 786 6.08 -12.06 -15.31
CA ARG A 786 6.48 -12.92 -14.19
C ARG A 786 5.34 -13.79 -13.69
N THR A 787 4.14 -13.23 -13.61
CA THR A 787 2.99 -14.02 -13.19
C THR A 787 2.67 -15.07 -14.24
N TYR A 788 2.86 -14.72 -15.50
CA TYR A 788 2.63 -15.66 -16.60
C TYR A 788 3.58 -16.84 -16.50
N GLU A 789 4.84 -16.55 -16.22
CA GLU A 789 5.84 -17.60 -16.08
C GLU A 789 5.55 -18.49 -14.89
N ARG A 790 5.13 -17.87 -13.77
CA ARG A 790 4.82 -18.63 -12.56
C ARG A 790 3.65 -19.57 -12.81
N THR A 791 2.64 -19.08 -13.51
CA THR A 791 1.48 -19.90 -13.82
C THR A 791 1.86 -21.03 -14.76
N CYS A 792 2.72 -20.77 -15.75
CA CYS A 792 3.14 -21.83 -16.66
C CYS A 792 3.91 -22.89 -15.91
N GLU A 793 4.68 -22.48 -14.90
CA GLU A 793 5.40 -23.43 -14.07
C GLU A 793 4.42 -24.34 -13.34
N LYS A 794 3.40 -23.73 -12.72
CA LYS A 794 2.40 -24.51 -11.99
C LYS A 794 1.61 -25.42 -12.91
N VAL A 795 1.24 -24.91 -14.09
CA VAL A 795 0.44 -25.67 -15.05
C VAL A 795 1.21 -26.87 -15.57
N GLU A 796 2.41 -26.64 -16.12
CA GLU A 796 3.13 -27.79 -16.65
C GLU A 796 3.71 -28.68 -15.57
N GLU A 797 3.70 -28.26 -14.28
CA GLU A 797 4.10 -29.21 -13.26
C GLU A 797 3.01 -30.24 -13.03
N ARG A 798 1.81 -29.97 -13.54
CA ARG A 798 0.64 -30.82 -13.55
C ARG A 798 0.42 -31.29 -14.98
N ASN A 799 -0.44 -32.26 -15.14
CA ASN A 799 -0.64 -32.73 -16.50
C ASN A 799 -2.11 -32.81 -16.90
N THR A 800 -2.98 -33.18 -15.97
CA THR A 800 -4.41 -33.28 -16.24
C THR A 800 -4.99 -31.91 -16.57
N ILE A 801 -4.58 -30.92 -15.80
CA ILE A 801 -5.00 -29.53 -15.87
C ILE A 801 -4.87 -28.92 -17.25
N SER A 802 -3.85 -29.33 -18.02
CA SER A 802 -3.59 -28.81 -19.36
C SER A 802 -4.79 -28.96 -20.30
N LEU A 803 -5.52 -30.08 -20.17
CA LEU A 803 -6.71 -30.34 -20.99
C LEU A 803 -7.76 -29.27 -20.87
N LEU A 804 -7.99 -28.81 -19.65
CA LEU A 804 -9.02 -27.84 -19.34
C LEU A 804 -8.54 -26.41 -19.45
N VAL A 805 -7.26 -26.19 -19.20
CA VAL A 805 -6.70 -24.86 -19.23
C VAL A 805 -6.35 -24.42 -20.64
N ALA A 806 -6.17 -25.38 -21.55
CA ALA A 806 -5.83 -25.22 -22.96
C ALA A 806 -6.40 -23.98 -23.66
N GLY A 807 -7.69 -23.74 -23.47
CA GLY A 807 -8.32 -22.57 -24.08
C GLY A 807 -7.79 -21.27 -23.51
N LEU A 808 -7.81 -21.13 -22.18
CA LEU A 808 -7.31 -19.90 -21.54
C LEU A 808 -5.83 -19.70 -21.77
N LYS A 809 -5.07 -20.79 -21.81
CA LYS A 809 -3.65 -20.71 -22.06
C LYS A 809 -3.41 -20.20 -23.47
N LYS A 810 -4.24 -20.64 -24.41
CA LYS A 810 -4.12 -20.13 -25.77
C LYS A 810 -4.53 -18.66 -25.83
N GLU A 811 -5.51 -18.27 -25.00
CA GLU A 811 -5.96 -16.88 -24.95
C GLU A 811 -4.84 -15.97 -24.48
N VAL A 812 -4.18 -16.39 -23.39
CA VAL A 812 -3.08 -15.65 -22.83
C VAL A 812 -1.96 -15.53 -23.85
N GLN A 813 -1.64 -16.64 -24.52
CA GLN A 813 -0.61 -16.58 -25.54
C GLN A 813 -1.04 -15.82 -26.77
N ALA A 814 -2.35 -15.69 -27.00
CA ALA A 814 -2.81 -14.91 -28.14
C ALA A 814 -2.50 -13.45 -27.89
N LEU A 815 -2.83 -12.96 -26.69
CA LEU A 815 -2.48 -11.58 -26.39
C LEU A 815 -0.99 -11.42 -26.22
N ILE A 816 -0.29 -12.46 -25.79
CA ILE A 816 1.17 -12.37 -25.65
C ILE A 816 1.79 -12.23 -27.03
N ALA A 817 1.24 -12.95 -28.01
CA ALA A 817 1.73 -12.84 -29.38
C ALA A 817 1.43 -11.46 -29.94
N GLU A 818 0.24 -10.94 -29.63
CA GLU A 818 -0.10 -9.60 -30.10
C GLU A 818 0.69 -8.53 -29.37
N GLY A 819 1.22 -8.82 -28.21
CA GLY A 819 1.99 -7.86 -27.47
C GLY A 819 3.44 -7.89 -27.92
N ILE A 820 3.95 -9.08 -28.20
CA ILE A 820 5.34 -9.23 -28.63
C ILE A 820 5.52 -8.70 -30.03
N ALA A 821 4.59 -9.06 -30.94
CA ALA A 821 4.61 -8.68 -32.36
C ALA A 821 4.85 -7.19 -32.55
N LEU A 822 4.25 -6.38 -31.71
CA LEU A 822 4.48 -4.96 -31.75
C LEU A 822 5.52 -4.59 -30.71
N VAL A 823 6.30 -3.59 -31.03
CA VAL A 823 7.29 -3.02 -30.14
C VAL A 823 7.15 -1.52 -30.33
N TRP A 824 7.01 -0.81 -29.22
CA TRP A 824 6.81 0.63 -29.21
C TRP A 824 5.55 1.12 -29.91
N GLU A 825 4.41 1.04 -29.24
CA GLU A 825 3.17 1.56 -29.81
C GLU A 825 2.81 2.76 -28.94
N SER A 826 3.38 3.92 -29.30
CA SER A 826 3.18 5.18 -28.59
C SER A 826 1.73 5.57 -28.47
N TYR A 827 0.90 5.16 -29.42
CA TYR A 827 -0.51 5.49 -29.37
C TYR A 827 -1.28 4.44 -28.55
N LYS A 828 -1.28 3.20 -28.99
CA LYS A 828 -2.00 2.14 -28.30
C LYS A 828 -1.10 1.38 -27.35
N LEU A 829 -0.98 1.86 -26.12
CA LEU A 829 -0.14 1.14 -25.17
C LEU A 829 -0.93 0.75 -23.93
N ASP A 830 -1.50 1.74 -23.26
CA ASP A 830 -2.30 1.59 -22.05
C ASP A 830 -3.41 0.56 -22.15
N PRO A 831 -4.23 0.49 -23.22
CA PRO A 831 -5.25 -0.56 -23.24
C PRO A 831 -4.65 -1.94 -23.33
N TYR A 832 -3.51 -2.10 -24.01
CA TYR A 832 -2.90 -3.42 -24.08
C TYR A 832 -2.40 -3.83 -22.72
N VAL A 833 -1.82 -2.88 -21.99
CA VAL A 833 -1.31 -3.14 -20.65
C VAL A 833 -2.43 -3.62 -19.74
N GLN A 834 -3.55 -2.91 -19.77
CA GLN A 834 -4.69 -3.26 -18.93
C GLN A 834 -5.31 -4.59 -19.33
N ARG A 835 -5.41 -4.85 -20.65
CA ARG A 835 -5.91 -6.12 -21.15
C ARG A 835 -5.04 -7.25 -20.65
N LEU A 836 -3.73 -7.06 -20.75
CA LEU A 836 -2.72 -8.01 -20.31
C LEU A 836 -2.88 -8.36 -18.85
N ALA A 837 -2.93 -7.32 -18.01
CA ALA A 837 -3.07 -7.49 -16.56
C ALA A 837 -4.31 -8.29 -16.21
N GLU A 838 -5.44 -7.97 -16.84
CA GLU A 838 -6.64 -8.73 -16.51
C GLU A 838 -6.61 -10.16 -17.04
N THR A 839 -6.01 -10.38 -18.20
CA THR A 839 -5.96 -11.75 -18.74
C THR A 839 -5.13 -12.65 -17.85
N VAL A 840 -3.93 -12.19 -17.49
CA VAL A 840 -3.09 -13.00 -16.62
C VAL A 840 -3.70 -13.09 -15.23
N PHE A 841 -4.43 -12.06 -14.81
CA PHE A 841 -5.08 -12.06 -13.51
C PHE A 841 -6.16 -13.13 -13.45
N ASN A 842 -7.01 -13.17 -14.48
CA ASN A 842 -8.05 -14.18 -14.62
C ASN A 842 -7.43 -15.55 -14.61
N PHE A 843 -6.53 -15.76 -15.56
CA PHE A 843 -5.74 -16.95 -15.78
C PHE A 843 -5.17 -17.55 -14.49
N GLN A 844 -4.59 -16.68 -13.68
CA GLN A 844 -4.04 -17.08 -12.39
C GLN A 844 -5.15 -17.52 -11.45
N GLU A 845 -6.25 -16.77 -11.41
CA GLU A 845 -7.37 -17.15 -10.56
C GLU A 845 -7.97 -18.48 -11.00
N LYS A 846 -7.98 -18.73 -12.30
CA LYS A 846 -8.53 -19.96 -12.83
C LYS A 846 -7.66 -21.13 -12.43
N VAL A 847 -6.34 -20.98 -12.51
CA VAL A 847 -5.44 -22.06 -12.13
C VAL A 847 -5.59 -22.37 -10.65
N ASP A 848 -5.64 -21.32 -9.81
CA ASP A 848 -5.78 -21.49 -8.37
C ASP A 848 -7.10 -22.18 -8.04
N ASP A 849 -8.17 -21.68 -8.66
CA ASP A 849 -9.51 -22.20 -8.49
C ASP A 849 -9.56 -23.67 -8.85
N LEU A 850 -9.05 -24.00 -10.05
CA LEU A 850 -9.02 -25.36 -10.54
C LEU A 850 -8.22 -26.28 -9.65
N LEU A 851 -7.11 -25.78 -9.12
CA LEU A 851 -6.28 -26.58 -8.24
C LEU A 851 -7.07 -27.02 -7.02
N ILE A 852 -7.75 -26.05 -6.40
CA ILE A 852 -8.58 -26.34 -5.22
C ILE A 852 -9.68 -27.35 -5.55
N ILE A 853 -10.35 -27.13 -6.69
CA ILE A 853 -11.42 -28.00 -7.16
C ILE A 853 -10.92 -29.43 -7.31
N GLU A 854 -9.79 -29.57 -8.01
CA GLU A 854 -9.20 -30.87 -8.25
C GLU A 854 -8.83 -31.58 -6.98
N GLU A 855 -8.36 -30.85 -5.98
CA GLU A 855 -7.98 -31.59 -4.79
C GLU A 855 -9.21 -32.07 -4.04
N LYS A 856 -10.32 -31.33 -4.12
CA LYS A 856 -11.54 -31.83 -3.49
C LYS A 856 -12.02 -33.09 -4.21
N ILE A 857 -11.93 -33.05 -5.56
CA ILE A 857 -12.29 -34.18 -6.41
C ILE A 857 -11.49 -35.40 -6.01
N ASP A 858 -10.18 -35.22 -5.96
CA ASP A 858 -9.28 -36.31 -5.65
C ASP A 858 -9.44 -36.81 -4.23
N LEU A 859 -9.86 -35.97 -3.27
CA LEU A 859 -10.07 -36.54 -1.96
C LEU A 859 -11.27 -37.48 -2.00
N GLU A 860 -12.25 -37.16 -2.85
CA GLU A 860 -13.37 -38.06 -3.02
C GLU A 860 -12.96 -39.33 -3.77
N VAL A 861 -12.25 -39.13 -4.89
CA VAL A 861 -11.79 -40.22 -5.75
C VAL A 861 -10.89 -41.17 -4.97
N ARG A 862 -9.87 -40.64 -4.30
CA ARG A 862 -8.99 -41.45 -3.48
C ARG A 862 -9.71 -41.98 -2.25
N SER A 863 -10.88 -41.44 -1.91
CA SER A 863 -11.64 -41.96 -0.79
C SER A 863 -12.69 -42.95 -1.25
N LEU A 864 -12.75 -43.25 -2.55
CA LEU A 864 -13.74 -44.22 -3.02
C LEU A 864 -13.53 -45.64 -2.53
N GLU A 865 -12.38 -45.94 -1.92
CA GLU A 865 -12.13 -47.26 -1.37
C GLU A 865 -12.17 -47.21 0.15
N THR A 866 -12.69 -46.12 0.72
CA THR A 866 -12.75 -45.94 2.17
C THR A 866 -14.08 -46.36 2.79
N CYS A 867 -15.19 -45.71 2.42
CA CYS A 867 -16.47 -46.06 3.03
C CYS A 867 -16.91 -47.40 2.48
N MET A 868 -16.58 -48.46 3.20
CA MET A 868 -16.86 -49.81 2.73
C MET A 868 -18.35 -50.16 2.66
N TYR A 869 -18.77 -50.42 1.42
CA TYR A 869 -20.07 -50.92 0.98
C TYR A 869 -21.28 -50.18 1.56
N ASP A 870 -21.43 -48.93 1.13
CA ASP A 870 -22.55 -48.10 1.53
C ASP A 870 -22.93 -47.25 0.32
N HIS A 871 -24.02 -47.65 -0.35
CA HIS A 871 -24.48 -46.98 -1.55
C HIS A 871 -24.87 -45.53 -1.33
N LYS A 872 -25.41 -45.22 -0.15
CA LYS A 872 -25.79 -43.85 0.16
C LYS A 872 -24.56 -42.94 0.16
N THR A 873 -23.51 -43.38 0.84
CA THR A 873 -22.28 -42.62 0.92
C THR A 873 -21.63 -42.48 -0.44
N PHE A 874 -21.70 -43.56 -1.25
CA PHE A 874 -21.15 -43.54 -2.59
C PHE A 874 -21.83 -42.45 -3.41
N SER A 875 -23.16 -42.45 -3.36
CA SER A 875 -24.00 -41.48 -4.04
C SER A 875 -23.64 -40.06 -3.63
N GLU A 876 -23.49 -39.86 -2.32
CA GLU A 876 -23.11 -38.56 -1.76
C GLU A 876 -21.80 -38.06 -2.35
N ILE A 877 -20.79 -38.94 -2.39
CA ILE A 877 -19.48 -38.62 -2.93
C ILE A 877 -19.60 -38.13 -4.37
N LEU A 878 -20.30 -38.93 -5.19
CA LEU A 878 -20.50 -38.62 -6.60
C LEU A 878 -21.19 -37.28 -6.80
N ASN A 879 -22.21 -37.01 -5.97
CA ASN A 879 -22.95 -35.77 -6.08
C ASN A 879 -22.05 -34.58 -5.81
N ARG A 880 -21.22 -34.70 -4.77
CA ARG A 880 -20.29 -33.61 -4.44
C ARG A 880 -19.31 -33.36 -5.58
N VAL A 881 -18.80 -34.45 -6.15
CA VAL A 881 -17.87 -34.36 -7.27
C VAL A 881 -18.51 -33.66 -8.46
N GLN A 882 -19.76 -34.02 -8.78
CA GLN A 882 -20.29 -33.30 -9.92
C GLN A 882 -20.77 -31.90 -9.57
N LYS A 883 -20.90 -31.56 -8.29
CA LYS A 883 -21.21 -30.17 -7.97
C LYS A 883 -20.00 -29.35 -8.38
N ALA A 884 -18.82 -29.91 -8.09
CA ALA A 884 -17.58 -29.29 -8.56
C ALA A 884 -17.54 -29.27 -10.08
N VAL A 885 -18.15 -30.27 -10.72
CA VAL A 885 -18.18 -30.30 -12.18
C VAL A 885 -19.04 -29.18 -12.74
N ASP A 886 -20.16 -28.82 -12.08
CA ASP A 886 -20.92 -27.69 -12.62
C ASP A 886 -20.14 -26.41 -12.40
N ASP A 887 -19.34 -26.36 -11.33
CA ASP A 887 -18.50 -25.19 -11.09
C ASP A 887 -17.52 -25.05 -12.24
N LEU A 888 -17.06 -26.19 -12.73
CA LEU A 888 -16.18 -26.23 -13.89
C LEU A 888 -16.93 -25.84 -15.15
N ASN A 889 -18.22 -26.15 -15.21
CA ASN A 889 -19.02 -25.85 -16.39
C ASN A 889 -19.27 -24.38 -16.57
N LEU A 890 -19.60 -23.67 -15.48
CA LEU A 890 -19.92 -22.24 -15.53
C LEU A 890 -18.78 -21.44 -16.11
N HIS A 891 -17.67 -21.38 -15.40
CA HIS A 891 -16.49 -20.73 -15.94
C HIS A 891 -15.97 -21.89 -16.73
N SER A 892 -16.43 -22.00 -17.98
CA SER A 892 -16.10 -23.15 -18.79
C SER A 892 -14.63 -23.25 -19.05
N TYR A 893 -14.10 -24.41 -18.77
CA TYR A 893 -12.69 -24.66 -19.04
C TYR A 893 -12.65 -25.19 -20.47
N SER A 894 -11.56 -25.81 -20.91
CA SER A 894 -11.56 -26.15 -22.33
C SER A 894 -12.32 -27.41 -22.76
N ASN A 895 -11.83 -28.58 -22.40
CA ASN A 895 -12.40 -29.83 -22.89
C ASN A 895 -12.99 -30.68 -21.79
N LEU A 896 -13.67 -30.07 -20.84
CA LEU A 896 -14.29 -30.65 -19.66
C LEU A 896 -14.92 -32.05 -19.80
N PRO A 897 -15.76 -32.35 -20.82
CA PRO A 897 -16.31 -33.73 -20.88
C PRO A 897 -15.26 -34.78 -21.14
N ILE A 898 -14.19 -34.45 -21.86
CA ILE A 898 -13.12 -35.40 -22.15
C ILE A 898 -12.43 -35.81 -20.87
N TRP A 899 -12.12 -34.83 -20.04
CA TRP A 899 -11.51 -35.09 -18.75
C TRP A 899 -12.46 -35.85 -17.85
N VAL A 900 -13.77 -35.60 -18.01
CA VAL A 900 -14.77 -36.32 -17.25
C VAL A 900 -14.81 -37.79 -17.68
N ASN A 901 -14.57 -38.05 -18.98
CA ASN A 901 -14.53 -39.43 -19.48
C ASN A 901 -13.44 -40.18 -18.78
N LYS A 902 -12.28 -39.53 -18.67
CA LYS A 902 -11.13 -40.10 -17.99
C LYS A 902 -11.49 -40.47 -16.57
N LEU A 903 -11.98 -39.47 -15.82
CA LEU A 903 -12.45 -39.61 -14.45
C LEU A 903 -13.32 -40.83 -14.28
N ASP A 904 -14.44 -40.83 -15.00
CA ASP A 904 -15.43 -41.90 -14.99
C ASP A 904 -14.83 -43.26 -15.24
N MET A 905 -13.84 -43.36 -16.13
CA MET A 905 -13.22 -44.67 -16.36
C MET A 905 -12.47 -45.14 -15.11
N GLU A 906 -11.71 -44.23 -14.49
CA GLU A 906 -11.01 -44.67 -13.28
C GLU A 906 -11.99 -44.86 -12.13
N ILE A 907 -13.08 -44.10 -12.12
CA ILE A 907 -14.09 -44.25 -11.07
C ILE A 907 -14.73 -45.61 -11.21
N GLU A 908 -15.00 -46.02 -12.45
CA GLU A 908 -15.54 -47.34 -12.75
C GLU A 908 -14.62 -48.41 -12.23
N ARG A 909 -13.32 -48.20 -12.40
CA ARG A 909 -12.37 -49.21 -11.94
C ARG A 909 -12.32 -49.30 -10.42
N ILE A 910 -12.31 -48.14 -9.73
CA ILE A 910 -12.30 -48.18 -8.27
C ILE A 910 -13.59 -48.79 -7.76
N LEU A 911 -14.70 -48.48 -8.44
CA LEU A 911 -16.02 -49.00 -8.11
C LEU A 911 -16.08 -50.50 -8.26
N GLY A 912 -15.79 -50.98 -9.47
CA GLY A 912 -15.80 -52.40 -9.75
C GLY A 912 -14.85 -53.18 -8.89
N VAL A 913 -13.71 -52.56 -8.53
CA VAL A 913 -12.74 -53.22 -7.66
C VAL A 913 -13.30 -53.35 -6.25
N ARG A 914 -13.89 -52.26 -5.71
CA ARG A 914 -14.49 -52.35 -4.38
C ARG A 914 -15.65 -53.33 -4.41
N LEU A 915 -16.35 -53.35 -5.55
CA LEU A 915 -17.47 -54.25 -5.75
C LEU A 915 -17.02 -55.69 -5.66
N GLN A 916 -16.14 -56.13 -6.57
CA GLN A 916 -15.65 -57.52 -6.60
C GLN A 916 -15.05 -57.95 -5.27
N ALA A 917 -14.40 -57.03 -4.55
CA ALA A 917 -13.87 -57.37 -3.23
C ALA A 917 -15.02 -57.69 -2.28
N GLY A 918 -16.01 -56.79 -2.24
CA GLY A 918 -17.18 -57.03 -1.41
C GLY A 918 -17.99 -58.19 -1.91
N LEU A 919 -17.95 -58.46 -3.22
CA LEU A 919 -18.68 -59.57 -3.80
C LEU A 919 -18.18 -60.87 -3.24
N ARG A 920 -16.86 -61.05 -3.24
CA ARG A 920 -16.25 -62.26 -2.69
C ARG A 920 -16.57 -62.41 -1.21
N ALA A 921 -16.39 -61.31 -0.45
CA ALA A 921 -16.68 -61.34 0.99
C ALA A 921 -18.15 -61.68 1.25
N TRP A 922 -19.04 -61.13 0.43
CA TRP A 922 -20.44 -61.44 0.61
C TRP A 922 -20.74 -62.85 0.13
N THR A 923 -19.90 -63.46 -0.73
CA THR A 923 -20.13 -64.86 -1.07
C THR A 923 -19.87 -65.71 0.16
N GLN A 924 -18.85 -65.33 0.94
CA GLN A 924 -18.59 -66.10 2.16
C GLN A 924 -19.66 -65.84 3.21
N VAL A 925 -20.28 -64.66 3.19
CA VAL A 925 -21.36 -64.42 4.14
C VAL A 925 -22.58 -65.23 3.74
N LEU A 926 -22.89 -65.22 2.44
CA LEU A 926 -24.02 -65.94 1.84
C LEU A 926 -23.81 -67.45 1.79
N LEU A 927 -22.70 -67.97 2.31
CA LEU A 927 -22.44 -69.41 2.32
C LEU A 927 -23.45 -70.16 3.17
N ASN B 453 -3.71 39.44 -11.69
CA ASN B 453 -4.76 38.94 -10.81
C ASN B 453 -6.02 39.60 -11.34
N PRO B 454 -6.63 39.00 -12.38
CA PRO B 454 -7.83 39.59 -12.95
C PRO B 454 -8.95 39.51 -11.91
N ALA B 455 -9.44 40.68 -11.51
CA ALA B 455 -10.43 40.93 -10.46
C ALA B 455 -11.51 39.89 -10.23
N HIS B 456 -11.97 39.27 -11.30
CA HIS B 456 -12.99 38.25 -11.20
C HIS B 456 -12.51 36.93 -10.62
N ARG B 457 -11.26 36.81 -10.15
CA ARG B 457 -10.73 35.54 -9.66
C ARG B 457 -11.53 34.98 -8.50
N LYS B 458 -11.68 35.75 -7.42
CA LYS B 458 -12.42 35.18 -6.31
C LYS B 458 -13.89 35.15 -6.62
N LEU B 459 -14.34 35.92 -7.61
CA LEU B 459 -15.72 35.80 -8.01
C LEU B 459 -15.93 34.46 -8.66
N GLN B 460 -14.95 34.03 -9.46
CA GLN B 460 -14.99 32.74 -10.12
C GLN B 460 -14.99 31.62 -9.09
N ALA B 461 -14.08 31.70 -8.12
CA ALA B 461 -13.98 30.69 -7.06
C ALA B 461 -15.26 30.64 -6.27
N ARG B 462 -15.81 31.81 -5.97
CA ARG B 462 -17.05 31.94 -5.23
C ARG B 462 -18.20 31.32 -6.00
N LEU B 463 -18.24 31.56 -7.31
CA LEU B 463 -19.32 31.00 -8.11
C LEU B 463 -19.26 29.50 -8.09
N ASP B 464 -18.07 28.92 -8.20
CA ASP B 464 -17.98 27.47 -8.15
C ASP B 464 -18.33 26.91 -6.78
N GLN B 465 -18.03 27.63 -5.72
CA GLN B 465 -18.42 27.10 -4.42
C GLN B 465 -19.92 27.22 -4.25
N MET B 466 -20.50 28.29 -4.78
CA MET B 466 -21.95 28.44 -4.69
C MET B 466 -22.62 27.45 -5.62
N ARG B 467 -21.90 27.06 -6.67
CA ARG B 467 -22.37 26.01 -7.55
C ARG B 467 -22.56 24.78 -6.75
N LYS B 468 -21.49 24.40 -6.06
CA LYS B 468 -21.51 23.24 -5.19
C LYS B 468 -22.59 23.36 -4.13
N PHE B 469 -22.91 24.57 -3.67
CA PHE B 469 -23.99 24.66 -2.70
C PHE B 469 -25.31 24.30 -3.33
N ARG B 470 -25.62 24.91 -4.48
CA ARG B 470 -26.88 24.60 -5.15
C ARG B 470 -26.91 23.16 -5.60
N ARG B 471 -25.82 22.68 -6.16
CA ARG B 471 -25.66 21.31 -6.63
C ARG B 471 -25.89 20.31 -5.51
N GLN B 472 -25.05 20.35 -4.49
CA GLN B 472 -25.13 19.35 -3.44
C GLN B 472 -26.35 19.50 -2.55
N HIS B 473 -26.76 20.74 -2.22
CA HIS B 473 -27.97 20.85 -1.40
C HIS B 473 -29.15 20.35 -2.18
N GLU B 474 -29.29 20.85 -3.42
CA GLU B 474 -30.35 20.46 -4.32
C GLU B 474 -30.43 18.96 -4.45
N GLN B 475 -29.27 18.31 -4.55
CA GLN B 475 -29.24 16.87 -4.65
C GLN B 475 -29.83 16.20 -3.43
N LEU B 476 -29.25 16.47 -2.25
CA LEU B 476 -29.72 15.81 -1.03
C LEU B 476 -31.19 16.07 -0.74
N ARG B 477 -31.64 17.31 -0.88
CA ARG B 477 -33.05 17.59 -0.65
C ARG B 477 -33.91 16.93 -1.73
N ALA B 478 -33.36 16.78 -2.93
CA ALA B 478 -34.10 16.14 -3.99
C ALA B 478 -34.16 14.65 -3.76
N VAL B 479 -33.25 14.11 -2.96
CA VAL B 479 -33.34 12.68 -2.71
C VAL B 479 -34.36 12.46 -1.61
N ILE B 480 -34.59 13.46 -0.74
CA ILE B 480 -35.59 13.29 0.33
C ILE B 480 -37.01 13.42 -0.21
N VAL B 481 -37.14 13.36 -1.53
CA VAL B 481 -38.39 13.28 -2.24
C VAL B 481 -38.72 11.81 -2.47
N ARG B 482 -38.12 10.95 -1.65
CA ARG B 482 -38.28 9.51 -1.58
C ARG B 482 -38.45 9.12 -0.11
N VAL B 483 -39.38 9.82 0.53
CA VAL B 483 -39.73 9.63 1.92
C VAL B 483 -41.27 9.71 2.02
N ALA B 517 -36.77 12.23 10.77
CA ALA B 517 -37.87 11.88 9.89
C ALA B 517 -38.52 13.13 9.34
N ASN B 518 -38.51 14.20 10.13
CA ASN B 518 -39.12 15.44 9.68
C ASN B 518 -38.10 16.56 9.75
N ALA B 519 -36.97 16.27 9.12
CA ALA B 519 -35.86 17.19 8.97
C ALA B 519 -35.78 17.71 7.57
N ILE B 520 -36.73 17.36 6.70
CA ILE B 520 -36.75 17.77 5.29
C ILE B 520 -36.72 19.29 5.19
N GLU B 521 -37.74 19.91 5.75
CA GLU B 521 -37.86 21.36 5.77
C GLU B 521 -36.68 21.97 6.50
N GLU B 522 -36.11 21.26 7.46
CA GLU B 522 -34.98 21.75 8.21
C GLU B 522 -33.72 21.78 7.35
N VAL B 523 -33.62 20.84 6.42
CA VAL B 523 -32.50 20.88 5.48
C VAL B 523 -32.71 22.09 4.60
N ASN B 524 -33.96 22.32 4.22
CA ASN B 524 -34.29 23.51 3.45
C ASN B 524 -34.11 24.77 4.28
N LEU B 525 -34.16 24.64 5.61
CA LEU B 525 -33.94 25.78 6.48
C LEU B 525 -32.47 26.15 6.49
N ALA B 526 -31.59 25.17 6.58
CA ALA B 526 -30.16 25.47 6.56
C ALA B 526 -29.77 25.98 5.19
N TYR B 527 -30.45 25.46 4.19
CA TYR B 527 -30.30 25.90 2.82
C TYR B 527 -30.68 27.34 2.68
N GLU B 528 -31.81 27.69 3.26
CA GLU B 528 -32.20 29.07 3.16
C GLU B 528 -31.50 29.92 4.19
N ASN B 529 -30.88 29.29 5.21
CA ASN B 529 -30.05 30.03 6.13
C ASN B 529 -28.95 30.62 5.33
N VAL B 530 -28.35 29.79 4.48
CA VAL B 530 -27.33 30.26 3.59
C VAL B 530 -27.91 31.16 2.50
N LYS B 531 -29.18 30.95 2.09
CA LYS B 531 -29.66 31.86 1.04
C LYS B 531 -29.93 33.25 1.60
N GLU B 532 -30.12 33.38 2.91
CA GLU B 532 -30.34 34.67 3.53
C GLU B 532 -29.01 35.27 3.98
N VAL B 533 -28.25 34.52 4.78
CA VAL B 533 -26.97 34.98 5.32
C VAL B 533 -25.85 34.88 4.31
N ASP B 534 -26.13 34.49 3.07
CA ASP B 534 -25.14 34.49 2.00
C ASP B 534 -25.00 35.90 1.44
N GLY B 535 -25.72 36.83 2.07
CA GLY B 535 -25.79 38.26 1.88
C GLY B 535 -25.79 38.76 0.47
N LEU B 536 -26.45 38.00 -0.41
CA LEU B 536 -26.53 38.30 -1.83
C LEU B 536 -25.12 38.40 -2.40
N ASP B 537 -24.29 37.46 -1.97
CA ASP B 537 -22.90 37.16 -2.29
C ASP B 537 -21.92 38.31 -2.56
N VAL B 538 -21.64 39.14 -1.54
CA VAL B 538 -20.62 40.16 -1.72
C VAL B 538 -19.28 39.44 -1.78
N SER B 539 -18.26 40.13 -2.25
CA SER B 539 -17.01 39.40 -2.38
C SER B 539 -16.19 39.32 -1.08
N LYS B 540 -15.75 40.45 -0.55
CA LYS B 540 -14.90 40.53 0.66
C LYS B 540 -15.52 39.84 1.88
N GLU B 541 -16.66 40.37 2.33
CA GLU B 541 -17.34 39.76 3.45
C GLU B 541 -17.86 38.39 3.10
N GLY B 542 -18.05 38.13 1.81
CA GLY B 542 -18.46 36.82 1.39
C GLY B 542 -17.41 35.81 1.77
N THR B 543 -16.14 36.17 1.60
CA THR B 543 -15.08 35.28 2.04
C THR B 543 -15.14 35.13 3.55
N GLU B 544 -14.85 36.26 4.19
CA GLU B 544 -14.72 36.39 5.64
C GLU B 544 -15.97 36.06 6.46
N ALA B 545 -17.11 35.84 5.86
CA ALA B 545 -18.30 35.49 6.63
C ALA B 545 -19.02 34.29 6.05
N TRP B 546 -19.08 34.21 4.74
CA TRP B 546 -19.75 33.13 4.07
C TRP B 546 -19.04 31.80 4.29
N GLU B 547 -17.75 31.81 4.68
CA GLU B 547 -17.10 30.55 5.02
C GLU B 547 -17.84 29.87 6.16
N ALA B 548 -18.13 30.64 7.23
CA ALA B 548 -18.88 30.11 8.35
C ALA B 548 -20.33 29.86 7.97
N ALA B 549 -20.86 30.63 7.02
CA ALA B 549 -22.25 30.41 6.59
C ALA B 549 -22.41 29.02 5.96
N MET B 550 -21.54 28.70 4.99
CA MET B 550 -21.56 27.40 4.33
C MET B 550 -21.32 26.30 5.33
N LYS B 551 -20.34 26.52 6.20
CA LYS B 551 -19.98 25.53 7.19
C LYS B 551 -21.15 25.24 8.12
N ARG B 552 -21.89 26.27 8.52
CA ARG B 552 -23.06 26.15 9.37
C ARG B 552 -24.10 25.25 8.74
N TYR B 553 -24.36 25.48 7.45
CA TYR B 553 -25.28 24.63 6.72
C TYR B 553 -24.82 23.18 6.75
N ASP B 554 -23.51 22.96 6.59
CA ASP B 554 -22.97 21.60 6.61
C ASP B 554 -23.21 20.91 7.95
N GLU B 555 -23.10 21.69 9.03
CA GLU B 555 -23.32 21.14 10.37
C GLU B 555 -24.75 20.69 10.52
N ARG B 556 -25.66 21.45 9.93
CA ARG B 556 -27.04 21.01 9.99
C ARG B 556 -27.23 19.75 9.14
N ILE B 557 -26.49 19.60 8.04
CA ILE B 557 -26.63 18.37 7.28
C ILE B 557 -26.05 17.22 8.08
N ASP B 558 -25.03 17.50 8.89
CA ASP B 558 -24.41 16.45 9.69
C ASP B 558 -25.42 15.87 10.65
N ARG B 559 -26.17 16.74 11.35
CA ARG B 559 -27.22 16.27 12.24
C ARG B 559 -28.30 15.52 11.47
N VAL B 560 -28.64 16.06 10.29
CA VAL B 560 -29.63 15.44 9.42
C VAL B 560 -29.19 14.04 9.03
N GLU B 561 -27.89 13.89 8.73
CA GLU B 561 -27.33 12.60 8.39
C GLU B 561 -27.53 11.62 9.51
N THR B 562 -26.89 11.92 10.66
CA THR B 562 -26.95 11.10 11.87
C THR B 562 -28.34 10.64 12.20
N ARG B 563 -29.29 11.55 12.12
CA ARG B 563 -30.68 11.20 12.39
C ARG B 563 -31.23 10.27 11.33
N ILE B 564 -30.91 10.51 10.06
CA ILE B 564 -31.42 9.64 9.00
C ILE B 564 -30.77 8.27 9.05
N THR B 565 -29.46 8.23 9.25
CA THR B 565 -28.74 6.95 9.32
C THR B 565 -29.19 6.15 10.53
N ALA B 566 -29.26 6.78 11.70
CA ALA B 566 -29.70 6.06 12.90
C ALA B 566 -31.15 5.64 12.75
N ARG B 567 -31.96 6.48 12.12
CA ARG B 567 -33.36 6.19 11.88
C ARG B 567 -33.50 4.97 10.99
N LEU B 568 -32.86 5.00 9.83
CA LEU B 568 -32.95 3.90 8.89
C LEU B 568 -32.31 2.65 9.41
N ARG B 569 -31.26 2.75 10.22
CA ARG B 569 -30.71 1.54 10.79
C ARG B 569 -31.67 0.97 11.80
N ASP B 570 -32.47 1.82 12.41
CA ASP B 570 -33.46 1.27 13.31
C ASP B 570 -34.63 0.69 12.54
N GLN B 571 -35.01 1.28 11.39
CA GLN B 571 -36.10 0.65 10.66
C GLN B 571 -35.63 -0.61 9.97
N LEU B 572 -34.33 -0.71 9.77
CA LEU B 572 -33.75 -1.89 9.19
C LEU B 572 -33.66 -2.98 10.23
N GLY B 573 -33.16 -2.63 11.41
CA GLY B 573 -33.07 -3.60 12.47
C GLY B 573 -34.45 -4.04 12.92
N THR B 574 -35.40 -3.11 12.94
CA THR B 574 -36.74 -3.49 13.31
C THR B 574 -37.50 -4.14 12.16
N ALA B 575 -36.91 -4.22 10.97
CA ALA B 575 -37.57 -4.92 9.88
C ALA B 575 -37.47 -6.39 10.20
N LYS B 576 -38.59 -7.10 10.12
CA LYS B 576 -38.60 -8.51 10.47
C LYS B 576 -38.36 -9.45 9.31
N ASN B 577 -38.49 -8.98 8.09
CA ASN B 577 -38.30 -9.80 6.91
C ASN B 577 -37.15 -9.27 6.11
N ALA B 578 -36.45 -10.19 5.46
CA ALA B 578 -35.35 -9.78 4.61
C ALA B 578 -35.89 -9.12 3.36
N ASN B 579 -37.07 -9.55 2.90
CA ASN B 579 -37.67 -8.91 1.74
C ASN B 579 -38.10 -7.50 2.08
N GLU B 580 -38.56 -7.32 3.32
CA GLU B 580 -38.93 -6.02 3.85
C GLU B 580 -37.70 -5.14 3.88
N MET B 581 -36.58 -5.76 4.26
CA MET B 581 -35.30 -5.12 4.30
C MET B 581 -34.87 -4.71 2.90
N PHE B 582 -35.20 -5.54 1.91
CA PHE B 582 -34.92 -5.16 0.54
C PHE B 582 -35.78 -4.00 0.13
N ARG B 583 -36.99 -3.93 0.69
CA ARG B 583 -37.85 -2.84 0.34
C ARG B 583 -37.31 -1.54 0.91
N ILE B 584 -36.65 -1.60 2.07
CA ILE B 584 -36.05 -0.37 2.58
C ILE B 584 -34.83 -0.03 1.73
N PHE B 585 -34.14 -1.03 1.20
CA PHE B 585 -33.00 -0.65 0.34
C PHE B 585 -33.49 -0.10 -0.97
N SER B 586 -34.59 -0.61 -1.47
CA SER B 586 -35.18 -0.08 -2.68
C SER B 586 -35.99 1.17 -2.37
N ARG B 587 -36.01 1.57 -1.10
CA ARG B 587 -36.64 2.78 -0.66
C ARG B 587 -35.62 3.88 -0.55
N PHE B 588 -34.35 3.55 -0.38
CA PHE B 588 -33.31 4.57 -0.31
C PHE B 588 -32.19 4.13 -1.19
N ASN B 589 -32.38 4.26 -2.49
CA ASN B 589 -31.32 3.87 -3.39
C ASN B 589 -30.28 4.95 -3.44
N ALA B 590 -30.72 6.15 -3.81
CA ALA B 590 -29.84 7.30 -3.90
C ALA B 590 -29.36 7.76 -2.53
N LEU B 591 -29.94 7.26 -1.45
CA LEU B 591 -29.38 7.63 -0.16
C LEU B 591 -28.25 6.70 0.21
N PHE B 592 -28.08 5.61 -0.51
CA PHE B 592 -26.95 4.72 -0.24
C PHE B 592 -25.88 5.05 -1.25
N VAL B 593 -25.59 6.35 -1.29
CA VAL B 593 -24.63 6.98 -2.17
C VAL B 593 -23.69 7.79 -1.31
N ARG B 594 -24.28 8.62 -0.44
CA ARG B 594 -23.60 9.48 0.50
C ARG B 594 -22.77 8.59 1.38
N PRO B 595 -21.44 8.65 1.23
CA PRO B 595 -20.51 7.78 1.99
C PRO B 595 -20.73 7.80 3.48
N HIS B 596 -21.15 8.97 3.96
CA HIS B 596 -21.50 9.17 5.36
C HIS B 596 -22.57 8.19 5.77
N ILE B 597 -23.60 8.07 4.94
CA ILE B 597 -24.67 7.14 5.21
C ILE B 597 -24.19 5.72 4.95
N ARG B 598 -23.63 5.55 3.76
CA ARG B 598 -23.18 4.28 3.21
C ARG B 598 -22.22 3.47 4.05
N GLY B 599 -21.56 4.06 5.03
CA GLY B 599 -20.60 3.28 5.81
C GLY B 599 -21.20 2.22 6.71
N ALA B 600 -22.16 2.59 7.53
CA ALA B 600 -22.68 1.61 8.51
C ALA B 600 -23.76 0.64 8.08
N ILE B 601 -23.60 -0.10 6.98
CA ILE B 601 -24.66 -1.04 6.62
C ILE B 601 -24.10 -2.40 6.20
N ARG B 602 -22.76 -2.55 6.17
CA ARG B 602 -22.10 -3.77 5.69
C ARG B 602 -22.64 -5.08 6.28
N GLU B 603 -22.98 -5.07 7.57
CA GLU B 603 -23.53 -6.28 8.19
C GLU B 603 -24.84 -6.69 7.53
N TYR B 604 -25.77 -5.75 7.40
CA TYR B 604 -27.06 -6.00 6.76
C TYR B 604 -26.86 -6.38 5.32
N GLN B 605 -25.87 -5.75 4.68
CA GLN B 605 -25.55 -6.05 3.30
C GLN B 605 -25.20 -7.51 3.15
N THR B 606 -24.29 -7.99 3.98
CA THR B 606 -23.88 -9.38 3.94
C THR B 606 -25.02 -10.33 4.22
N GLN B 607 -25.96 -9.94 5.07
CA GLN B 607 -27.12 -10.79 5.33
C GLN B 607 -27.92 -10.94 4.05
N LEU B 608 -28.09 -9.84 3.35
CA LEU B 608 -28.79 -9.86 2.07
C LEU B 608 -28.00 -10.59 1.01
N ILE B 609 -26.68 -10.53 1.08
CA ILE B 609 -25.87 -11.22 0.08
C ILE B 609 -25.98 -12.71 0.26
N GLN B 610 -26.03 -13.19 1.50
CA GLN B 610 -26.19 -14.62 1.65
C GLN B 610 -27.58 -15.04 1.22
N ARG B 611 -28.56 -14.14 1.33
CA ARG B 611 -29.89 -14.46 0.79
C ARG B 611 -29.83 -14.62 -0.72
N VAL B 612 -29.26 -13.61 -1.39
CA VAL B 612 -29.08 -13.59 -2.85
C VAL B 612 -28.29 -14.80 -3.30
N LYS B 613 -27.23 -15.08 -2.56
CA LYS B 613 -26.34 -16.20 -2.77
C LYS B 613 -27.11 -17.49 -2.84
N ASP B 614 -27.83 -17.80 -1.76
CA ASP B 614 -28.63 -19.02 -1.69
C ASP B 614 -29.66 -19.12 -2.80
N ASP B 615 -30.29 -18.02 -3.15
CA ASP B 615 -31.31 -18.13 -4.19
C ASP B 615 -30.70 -18.34 -5.57
N ILE B 616 -29.55 -17.71 -5.86
CA ILE B 616 -28.95 -17.96 -7.16
C ILE B 616 -28.40 -19.38 -7.19
N GLU B 617 -28.00 -19.89 -6.03
CA GLU B 617 -27.53 -21.26 -5.95
C GLU B 617 -28.68 -22.20 -6.21
N SER B 618 -29.87 -21.85 -5.72
CA SER B 618 -31.05 -22.65 -6.00
C SER B 618 -31.34 -22.62 -7.49
N LEU B 619 -31.03 -21.50 -8.14
CA LEU B 619 -31.24 -21.43 -9.58
C LEU B 619 -30.27 -22.33 -10.32
N HIS B 620 -29.04 -22.44 -9.81
CA HIS B 620 -28.07 -23.34 -10.41
C HIS B 620 -28.57 -24.76 -10.30
N ASP B 621 -29.18 -25.08 -9.16
CA ASP B 621 -29.70 -26.41 -8.89
C ASP B 621 -30.85 -26.75 -9.80
N LYS B 622 -31.90 -25.95 -9.72
CA LYS B 622 -33.10 -26.21 -10.48
C LYS B 622 -32.85 -26.11 -11.98
N PHE B 623 -31.98 -25.19 -12.42
CA PHE B 623 -31.69 -25.15 -13.83
C PHE B 623 -30.75 -26.27 -14.22
N LYS B 624 -30.01 -26.80 -13.26
CA LYS B 624 -29.12 -27.91 -13.57
C LYS B 624 -29.95 -29.14 -13.83
N VAL B 625 -31.17 -29.19 -13.30
CA VAL B 625 -32.11 -30.24 -13.67
C VAL B 625 -32.63 -29.73 -14.99
N GLN B 626 -32.86 -30.58 -15.96
CA GLN B 626 -33.24 -30.02 -17.24
C GLN B 626 -34.71 -29.95 -17.50
N TYR B 627 -35.05 -29.11 -18.47
CA TYR B 627 -36.43 -28.93 -18.91
C TYR B 627 -37.11 -30.24 -19.30
N PRO B 628 -36.50 -31.18 -20.06
CA PRO B 628 -37.23 -32.42 -20.35
C PRO B 628 -37.63 -33.19 -19.12
N GLN B 629 -36.77 -33.19 -18.13
CA GLN B 629 -37.08 -33.88 -16.90
C GLN B 629 -37.72 -32.95 -15.91
N SER B 630 -37.92 -31.69 -16.28
CA SER B 630 -38.61 -30.79 -15.40
C SER B 630 -40.06 -31.18 -15.43
N GLN B 631 -40.68 -31.19 -14.26
CA GLN B 631 -42.10 -31.50 -14.20
C GLN B 631 -42.88 -30.35 -14.75
N ALA B 632 -42.25 -29.18 -14.75
CA ALA B 632 -42.80 -27.98 -15.34
C ALA B 632 -43.07 -28.17 -16.81
N CYS B 633 -42.25 -28.99 -17.46
CA CYS B 633 -42.48 -29.33 -18.85
C CYS B 633 -43.80 -30.03 -19.02
N LYS B 634 -44.08 -30.97 -18.12
CA LYS B 634 -45.32 -31.73 -18.20
C LYS B 634 -46.51 -30.86 -17.91
N MET B 635 -46.43 -29.99 -16.90
CA MET B 635 -47.57 -29.12 -16.63
C MET B 635 -47.77 -28.12 -17.76
N SER B 636 -46.67 -27.58 -18.29
CA SER B 636 -46.73 -26.64 -19.40
C SER B 636 -47.29 -27.32 -20.63
N HIS B 637 -46.95 -28.59 -20.79
CA HIS B 637 -47.43 -29.36 -21.89
C HIS B 637 -48.92 -29.58 -21.79
N VAL B 638 -49.42 -29.76 -20.56
CA VAL B 638 -50.85 -29.90 -20.35
C VAL B 638 -51.51 -28.58 -20.68
N ARG B 639 -50.81 -27.49 -20.42
CA ARG B 639 -51.29 -26.16 -20.78
C ARG B 639 -51.12 -25.89 -22.28
N ASP B 640 -50.67 -26.90 -23.03
CA ASP B 640 -50.57 -26.97 -24.48
C ASP B 640 -49.71 -25.97 -25.21
N LEU B 641 -48.43 -26.20 -25.09
CA LEU B 641 -47.38 -25.45 -25.73
C LEU B 641 -46.52 -26.49 -26.41
N PRO B 642 -45.75 -26.08 -27.41
CA PRO B 642 -44.81 -27.01 -27.98
C PRO B 642 -43.69 -27.15 -26.98
N PRO B 643 -43.00 -28.28 -26.97
CA PRO B 643 -41.92 -28.46 -25.99
C PRO B 643 -40.78 -27.49 -26.21
N VAL B 644 -40.63 -27.06 -27.45
CA VAL B 644 -39.62 -26.07 -27.83
C VAL B 644 -39.89 -24.76 -27.14
N SER B 645 -41.14 -24.30 -27.25
CA SER B 645 -41.54 -23.06 -26.63
C SER B 645 -41.38 -23.12 -25.13
N GLY B 646 -42.09 -24.08 -24.49
CA GLY B 646 -42.03 -24.27 -23.04
C GLY B 646 -40.62 -24.37 -22.50
N SER B 647 -39.72 -24.96 -23.29
CA SER B 647 -38.33 -25.05 -22.89
C SER B 647 -37.70 -23.68 -22.89
N ILE B 648 -37.91 -22.91 -23.95
CA ILE B 648 -37.27 -21.60 -23.91
C ILE B 648 -37.98 -20.67 -22.95
N ILE B 649 -39.28 -20.88 -22.69
CA ILE B 649 -40.01 -20.08 -21.72
C ILE B 649 -39.40 -20.29 -20.35
N TRP B 650 -39.15 -21.57 -20.04
CA TRP B 650 -38.47 -21.99 -18.83
C TRP B 650 -37.15 -21.27 -18.68
N ALA B 651 -36.34 -21.36 -19.73
CA ALA B 651 -35.02 -20.75 -19.78
C ALA B 651 -35.08 -19.24 -19.57
N LYS B 652 -35.88 -18.57 -20.40
CA LYS B 652 -36.05 -17.14 -20.36
C LYS B 652 -36.61 -16.65 -19.04
N GLN B 653 -37.47 -17.43 -18.41
CA GLN B 653 -38.00 -16.97 -17.15
C GLN B 653 -36.95 -17.04 -16.08
N ILE B 654 -36.16 -18.13 -16.08
CA ILE B 654 -35.05 -18.29 -15.16
C ILE B 654 -34.08 -17.12 -15.30
N ASP B 655 -33.85 -16.72 -16.55
CA ASP B 655 -33.03 -15.57 -16.86
C ASP B 655 -33.59 -14.32 -16.22
N ARG B 656 -34.92 -14.15 -16.29
CA ARG B 656 -35.52 -12.96 -15.71
C ARG B 656 -35.37 -12.95 -14.19
N GLN B 657 -35.46 -14.12 -13.55
CA GLN B 657 -35.27 -14.14 -12.09
C GLN B 657 -33.85 -13.78 -11.72
N LEU B 658 -32.90 -14.27 -12.50
CA LEU B 658 -31.51 -13.92 -12.25
C LEU B 658 -31.27 -12.44 -12.46
N THR B 659 -31.88 -11.87 -13.49
CA THR B 659 -31.70 -10.44 -13.75
C THR B 659 -32.33 -9.61 -12.65
N ALA B 660 -33.45 -10.08 -12.12
CA ALA B 660 -34.10 -9.38 -11.02
C ALA B 660 -33.20 -9.45 -9.80
N TYR B 661 -32.54 -10.58 -9.61
CA TYR B 661 -31.62 -10.71 -8.49
C TYR B 661 -30.44 -9.79 -8.67
N MET B 662 -29.99 -9.63 -9.91
CA MET B 662 -28.88 -8.74 -10.17
C MET B 662 -29.23 -7.31 -9.87
N LYS B 663 -30.46 -6.91 -10.19
CA LYS B 663 -30.80 -5.55 -9.87
C LYS B 663 -31.00 -5.41 -8.37
N ARG B 664 -31.42 -6.48 -7.70
CA ARG B 664 -31.51 -6.46 -6.25
C ARG B 664 -30.14 -6.23 -5.66
N VAL B 665 -29.16 -6.95 -6.20
CA VAL B 665 -27.77 -6.88 -5.77
C VAL B 665 -27.23 -5.47 -5.89
N GLU B 666 -27.37 -4.88 -7.08
CA GLU B 666 -26.78 -3.56 -7.24
C GLU B 666 -27.54 -2.49 -6.51
N ASP B 667 -28.84 -2.67 -6.28
CA ASP B 667 -29.55 -1.65 -5.52
C ASP B 667 -29.12 -1.74 -4.07
N VAL B 668 -28.78 -2.93 -3.63
CA VAL B 668 -28.33 -3.14 -2.26
C VAL B 668 -26.88 -2.66 -2.10
N LEU B 669 -26.02 -3.09 -2.98
CA LEU B 669 -24.61 -2.79 -2.95
C LEU B 669 -24.21 -1.52 -3.67
N GLY B 670 -25.16 -0.67 -4.06
CA GLY B 670 -24.77 0.56 -4.73
C GLY B 670 -24.36 0.33 -6.16
N LYS B 671 -24.15 1.39 -6.94
CA LYS B 671 -23.78 1.17 -8.33
C LYS B 671 -22.33 0.72 -8.45
N GLY B 672 -21.49 1.09 -7.49
CA GLY B 672 -20.15 0.58 -7.51
C GLY B 672 -20.52 -0.74 -6.88
N TRP B 673 -20.54 -1.78 -7.67
CA TRP B 673 -21.01 -3.03 -7.11
C TRP B 673 -20.08 -4.20 -7.37
N GLU B 674 -19.47 -4.29 -8.54
CA GLU B 674 -18.55 -5.36 -8.82
C GLU B 674 -17.20 -4.97 -8.28
N ASN B 675 -17.00 -3.66 -8.14
CA ASN B 675 -15.79 -3.16 -7.54
C ASN B 675 -15.73 -3.66 -6.12
N HIS B 676 -16.90 -3.79 -5.51
CA HIS B 676 -17.02 -4.37 -4.20
C HIS B 676 -16.59 -5.83 -4.30
N VAL B 677 -15.92 -6.27 -3.25
CA VAL B 677 -15.31 -7.58 -3.04
C VAL B 677 -16.06 -8.79 -3.58
N GLU B 678 -17.36 -8.83 -3.41
CA GLU B 678 -18.17 -9.97 -3.83
C GLU B 678 -18.88 -9.78 -5.16
N GLY B 679 -19.21 -8.54 -5.46
CA GLY B 679 -19.94 -8.23 -6.67
C GLY B 679 -19.26 -8.70 -7.94
N GLN B 680 -17.92 -8.65 -7.96
CA GLN B 680 -17.15 -9.15 -9.09
C GLN B 680 -17.40 -10.63 -9.29
N LYS B 681 -17.43 -11.37 -8.19
CA LYS B 681 -17.67 -12.80 -8.24
C LYS B 681 -19.05 -13.09 -8.77
N LEU B 682 -20.08 -12.56 -8.08
CA LEU B 682 -21.47 -12.78 -8.50
C LEU B 682 -21.72 -12.29 -9.92
N LYS B 683 -20.97 -11.29 -10.37
CA LYS B 683 -21.11 -10.85 -11.73
C LYS B 683 -20.66 -11.94 -12.67
N GLN B 684 -19.44 -12.45 -12.46
CA GLN B 684 -18.89 -13.52 -13.29
C GLN B 684 -19.79 -14.73 -13.34
N ASP B 685 -20.31 -15.10 -12.18
CA ASP B 685 -21.15 -16.27 -12.08
C ASP B 685 -22.47 -16.07 -12.80
N GLY B 686 -23.09 -14.90 -12.63
CA GLY B 686 -24.34 -14.66 -13.33
C GLY B 686 -24.13 -14.56 -14.82
N ASP B 687 -22.96 -14.08 -15.24
CA ASP B 687 -22.68 -13.96 -16.65
C ASP B 687 -22.51 -15.33 -17.28
N SER B 688 -21.73 -16.20 -16.66
CA SER B 688 -21.54 -17.53 -17.22
C SER B 688 -22.84 -18.30 -17.19
N PHE B 689 -23.62 -18.11 -16.12
CA PHE B 689 -24.91 -18.76 -16.01
C PHE B 689 -25.83 -18.24 -17.09
N ARG B 690 -25.67 -16.97 -17.47
CA ARG B 690 -26.47 -16.42 -18.54
C ARG B 690 -26.03 -16.97 -19.88
N MET B 691 -24.73 -17.18 -20.04
CA MET B 691 -24.22 -17.73 -21.30
C MET B 691 -24.69 -19.16 -21.48
N LYS B 692 -24.99 -19.86 -20.39
CA LYS B 692 -25.53 -21.19 -20.51
C LYS B 692 -27.05 -21.15 -20.68
N LEU B 693 -27.59 -20.00 -21.12
CA LEU B 693 -29.01 -19.81 -21.31
C LEU B 693 -29.34 -19.08 -22.60
N ASN B 694 -28.45 -19.00 -23.56
CA ASN B 694 -28.78 -18.29 -24.80
C ASN B 694 -29.06 -19.34 -25.86
N THR B 695 -30.28 -19.80 -25.82
CA THR B 695 -31.15 -20.78 -26.43
C THR B 695 -31.45 -20.54 -27.82
N GLN B 696 -30.83 -19.59 -28.49
CA GLN B 696 -31.13 -19.38 -29.90
C GLN B 696 -30.68 -20.56 -30.75
N GLU B 697 -29.74 -21.37 -30.25
CA GLU B 697 -29.31 -22.56 -30.96
C GLU B 697 -30.42 -23.58 -31.04
N ILE B 698 -31.23 -23.64 -29.97
CA ILE B 698 -32.33 -24.59 -29.93
C ILE B 698 -33.32 -24.25 -31.02
N PHE B 699 -33.59 -22.95 -31.18
CA PHE B 699 -34.49 -22.52 -32.22
C PHE B 699 -33.86 -22.73 -33.57
N ASP B 700 -32.55 -22.56 -33.67
CA ASP B 700 -31.84 -22.78 -34.93
C ASP B 700 -31.99 -24.22 -35.39
N ASP B 701 -31.44 -25.14 -34.60
CA ASP B 701 -31.46 -26.56 -34.95
C ASP B 701 -32.88 -27.09 -35.06
N TRP B 702 -33.76 -26.65 -34.18
CA TRP B 702 -35.12 -27.09 -34.24
C TRP B 702 -35.83 -26.51 -35.46
#